data_9EIA
#
_entry.id   9EIA
#
_cell.length_a   79.420
_cell.length_b   45.514
_cell.length_c   119.140
_cell.angle_alpha   90.00
_cell.angle_beta   91.20
_cell.angle_gamma   90.00
#
_symmetry.space_group_name_H-M   'P 1 21 1'
#
loop_
_entity.id
_entity.type
_entity.pdbx_description
1 polymer 'A broad-substrate spectrum lactate racemase A'
2 non-polymer 1,2-ETHANEDIOL
3 non-polymer 3-methanethioyl-1-(5-O-phosphono-beta-D-ribofuranosyl)-5-(sulfanylcarbonyl)pyridin-1-ium
4 non-polymer DI(HYDROXYETHYL)ETHER
5 non-polymer 'LACTIC ACID'
6 non-polymer 'NICKEL (II) ION'
7 water water
#
_entity_poly.entity_id   1
_entity_poly.type   'polypeptide(L)'
_entity_poly.pdbx_seq_one_letter_code
;RVTLDYGKTGLNVDLPDDRTLPPLTIRPAPPLDDPEAEVVRCLAEPIGSPPLLDLARGKRSACILVCDITRPVPNPVLLR
PILRTLHAAGLATQDILILVATGLHRPSTPAEKVEMLSEEIARTYRVEDHYGTRLEEHTYLGTTPNGVPAWIDSRYVQAD
LKIATGLIEPHLMAGYSGGRKLICPGIAAFETVKLWHGPRFLEHPLADCGFLEGNPVHEENTRIARMAGCDFIVNVTLDG
ARRITSVVAGDMEQAFLKGVAFVETVVKAAVPAPVDVVVTSSAGHPLDLTFYQAVKGLTGALPIVKPGGTIVIAAALAEG
LGSPEFQSLFEEHPTLEGFMEAILKEESFTVDQWQLEELAKVRRKARVKFVSDGVPAAVLSRCHVEPVATVELAVAQALE
QYGPEARVAVIPKGPYVLPVVDPTL
;
_entity_poly.pdbx_strand_id   A,B
#
loop_
_chem_comp.id
_chem_comp.type
_chem_comp.name
_chem_comp.formula
4EY non-polymer 3-methanethioyl-1-(5-O-phosphono-beta-D-ribofuranosyl)-5-(sulfanylcarbonyl)pyridin-1-ium 'C12 H15 N O8 P S2 1'
EDO non-polymer 1,2-ETHANEDIOL 'C2 H6 O2'
LAC non-polymer 'LACTIC ACID' 'C3 H6 O3'
NI non-polymer 'NICKEL (II) ION' 'Ni 2'
PEG non-polymer DI(HYDROXYETHYL)ETHER 'C4 H10 O3'
#
# COMPACT_ATOMS: atom_id res chain seq x y z
N ARG A 1 -3.63 -31.57 -32.52
CA ARG A 1 -2.73 -30.55 -31.99
C ARG A 1 -3.22 -30.07 -30.62
N VAL A 2 -2.30 -29.96 -29.68
CA VAL A 2 -2.62 -29.48 -28.34
C VAL A 2 -1.44 -28.68 -27.84
N THR A 3 -1.73 -27.67 -27.03
CA THR A 3 -0.67 -26.88 -26.41
C THR A 3 -0.56 -27.34 -24.95
N LEU A 4 0.57 -27.95 -24.61
CA LEU A 4 0.85 -28.31 -23.22
C LEU A 4 1.43 -27.09 -22.51
N ASP A 5 1.11 -26.92 -21.21
CA ASP A 5 1.85 -25.92 -20.44
C ASP A 5 3.33 -26.26 -20.41
N TYR A 6 4.16 -25.23 -20.53
CA TYR A 6 5.60 -25.40 -20.67
C TYR A 6 6.30 -24.06 -20.50
N GLY A 7 6.94 -23.86 -19.35
CA GLY A 7 7.59 -22.58 -19.07
C GLY A 7 6.64 -21.42 -19.29
N LYS A 8 7.15 -20.36 -19.89
CA LYS A 8 6.34 -19.17 -20.18
C LYS A 8 5.64 -19.22 -21.53
N THR A 9 5.84 -20.29 -22.31
CA THR A 9 5.49 -20.30 -23.74
C THR A 9 4.39 -21.28 -24.10
N GLY A 10 4.25 -22.36 -23.34
CA GLY A 10 3.54 -23.53 -23.82
C GLY A 10 4.39 -24.30 -24.82
N LEU A 11 3.85 -25.44 -25.25
CA LEU A 11 4.55 -26.32 -26.19
C LEU A 11 3.51 -26.94 -27.11
N ASN A 12 3.62 -26.67 -28.42
CA ASN A 12 2.65 -27.16 -29.38
CA ASN A 12 2.65 -27.17 -29.38
C ASN A 12 3.01 -28.58 -29.82
N VAL A 13 2.16 -29.55 -29.46
CA VAL A 13 2.37 -30.96 -29.73
C VAL A 13 1.29 -31.45 -30.68
N ASP A 14 1.65 -32.32 -31.63
CA ASP A 14 0.68 -32.97 -32.49
C ASP A 14 0.60 -34.44 -32.09
N LEU A 15 -0.57 -34.88 -31.66
CA LEU A 15 -0.76 -36.24 -31.16
C LEU A 15 -1.55 -37.09 -32.16
N PRO A 16 -1.40 -38.43 -32.13
CA PRO A 16 -2.08 -39.26 -33.15
C PRO A 16 -3.59 -39.19 -33.02
N ASP A 17 -4.26 -38.90 -34.14
CA ASP A 17 -5.69 -38.61 -34.11
C ASP A 17 -6.51 -39.83 -33.66
N ASP A 18 -6.19 -41.01 -34.17
CA ASP A 18 -7.03 -42.19 -33.91
C ASP A 18 -6.72 -42.87 -32.58
N ARG A 19 -5.80 -42.32 -31.79
CA ARG A 19 -5.38 -42.95 -30.54
C ARG A 19 -5.67 -42.09 -29.32
N THR A 20 -5.97 -40.81 -29.48
CA THR A 20 -5.94 -39.84 -28.39
C THR A 20 -7.35 -39.45 -27.97
N LEU A 21 -7.62 -39.55 -26.66
CA LEU A 21 -8.87 -39.09 -26.07
C LEU A 21 -8.95 -37.56 -26.05
N PRO A 22 -10.16 -37.00 -25.92
CA PRO A 22 -10.30 -35.55 -25.74
C PRO A 22 -9.48 -35.10 -24.54
N PRO A 23 -8.78 -33.97 -24.66
CA PRO A 23 -7.90 -33.53 -23.58
C PRO A 23 -8.65 -33.35 -22.28
N LEU A 24 -7.99 -33.70 -21.18
CA LEU A 24 -8.55 -33.53 -19.85
C LEU A 24 -8.30 -32.10 -19.41
N THR A 25 -9.36 -31.35 -19.16
CA THR A 25 -9.28 -29.95 -18.77
C THR A 25 -10.26 -29.70 -17.62
N ILE A 26 -9.97 -28.68 -16.81
CA ILE A 26 -10.94 -28.35 -15.75
C ILE A 26 -12.18 -27.71 -16.37
N ARG A 27 -13.28 -27.79 -15.62
CA ARG A 27 -14.56 -27.25 -16.06
C ARG A 27 -14.49 -25.72 -16.19
N PRO A 28 -15.10 -25.14 -17.26
CA PRO A 28 -15.02 -23.69 -17.53
C PRO A 28 -15.95 -22.81 -16.69
N ALA A 29 -15.61 -22.65 -15.42
CA ALA A 29 -16.37 -21.76 -14.55
C ALA A 29 -16.10 -20.29 -14.92
N PRO A 30 -17.05 -19.41 -14.64
CA PRO A 30 -16.88 -17.99 -15.02
C PRO A 30 -15.84 -17.30 -14.17
N PRO A 31 -14.84 -16.67 -14.79
CA PRO A 31 -13.95 -15.77 -14.04
C PRO A 31 -14.73 -14.65 -13.38
N LEU A 32 -14.22 -14.19 -12.24
CA LEU A 32 -14.72 -12.95 -11.65
C LEU A 32 -14.32 -11.78 -12.53
N ASP A 33 -15.29 -10.92 -12.82
CA ASP A 33 -15.04 -9.71 -13.60
C ASP A 33 -14.00 -8.82 -12.92
N ASP A 34 -14.13 -8.64 -11.60
CA ASP A 34 -13.31 -7.69 -10.86
C ASP A 34 -12.90 -8.36 -9.56
N PRO A 35 -11.87 -9.20 -9.60
CA PRO A 35 -11.47 -9.96 -8.40
C PRO A 35 -11.04 -9.10 -7.24
N GLU A 36 -10.33 -8.00 -7.50
CA GLU A 36 -9.95 -7.11 -6.40
C GLU A 36 -11.19 -6.54 -5.72
N ALA A 37 -12.18 -6.08 -6.49
CA ALA A 37 -13.44 -5.65 -5.88
C ALA A 37 -14.08 -6.78 -5.09
N GLU A 38 -13.94 -8.02 -5.56
CA GLU A 38 -14.50 -9.14 -4.81
C GLU A 38 -13.73 -9.36 -3.51
N VAL A 39 -12.40 -9.22 -3.54
CA VAL A 39 -11.65 -9.36 -2.30
C VAL A 39 -12.11 -8.30 -1.29
N VAL A 40 -12.31 -7.06 -1.77
CA VAL A 40 -12.78 -6.00 -0.90
C VAL A 40 -14.10 -6.39 -0.24
N ARG A 41 -15.05 -6.90 -1.02
CA ARG A 41 -16.33 -7.32 -0.45
C ARG A 41 -16.15 -8.46 0.56
N CYS A 42 -15.26 -9.41 0.27
CA CYS A 42 -15.07 -10.52 1.19
C CYS A 42 -14.38 -10.09 2.49
N LEU A 43 -13.57 -9.03 2.46
CA LEU A 43 -12.95 -8.58 3.72
C LEU A 43 -13.99 -7.91 4.61
N ALA A 44 -15.01 -7.30 4.00
CA ALA A 44 -16.09 -6.70 4.76
C ALA A 44 -17.12 -7.70 5.25
N GLU A 45 -17.28 -8.85 4.55
CA GLU A 45 -18.28 -9.86 4.90
C GLU A 45 -17.65 -11.24 4.75
N PRO A 46 -16.75 -11.61 5.68
CA PRO A 46 -16.02 -12.88 5.54
C PRO A 46 -16.75 -14.09 6.10
N ILE A 47 -16.15 -15.26 5.90
CA ILE A 47 -16.69 -16.53 6.36
C ILE A 47 -16.11 -16.83 7.74
N GLY A 48 -16.97 -16.95 8.75
CA GLY A 48 -16.53 -17.42 10.06
C GLY A 48 -15.59 -16.50 10.82
N SER A 49 -15.57 -15.22 10.46
CA SER A 49 -14.64 -14.23 11.00
C SER A 49 -15.35 -12.91 11.12
N PRO A 50 -14.95 -12.04 12.05
CA PRO A 50 -15.36 -10.65 11.95
C PRO A 50 -14.71 -10.02 10.74
N PRO A 51 -15.23 -8.89 10.26
CA PRO A 51 -14.56 -8.18 9.17
C PRO A 51 -13.13 -7.84 9.53
N LEU A 52 -12.25 -7.89 8.53
CA LEU A 52 -10.83 -7.63 8.75
C LEU A 52 -10.61 -6.29 9.45
N LEU A 53 -11.39 -5.26 9.09
CA LEU A 53 -11.17 -3.95 9.72
C LEU A 53 -11.38 -4.05 11.22
N ASP A 54 -12.35 -4.87 11.64
CA ASP A 54 -12.66 -5.00 13.05
C ASP A 54 -11.64 -5.87 13.78
N LEU A 55 -11.15 -6.94 13.13
CA LEU A 55 -10.03 -7.71 13.68
C LEU A 55 -8.81 -6.85 13.91
N ALA A 56 -8.55 -5.89 13.01
CA ALA A 56 -7.30 -5.14 13.06
C ALA A 56 -7.36 -3.99 14.05
N ARG A 57 -8.55 -3.66 14.56
CA ARG A 57 -8.69 -2.60 15.55
C ARG A 57 -7.81 -2.86 16.76
N GLY A 58 -6.95 -1.90 17.07
CA GLY A 58 -6.10 -1.97 18.24
C GLY A 58 -4.84 -2.78 18.08
N LYS A 59 -4.65 -3.44 16.93
CA LYS A 59 -3.48 -4.27 16.73
C LYS A 59 -2.26 -3.39 16.46
N ARG A 60 -1.10 -3.81 16.98
CA ARG A 60 0.13 -3.03 16.89
C ARG A 60 1.07 -3.52 15.79
N SER A 61 0.97 -4.78 15.38
CA SER A 61 1.85 -5.33 14.36
C SER A 61 1.07 -6.36 13.56
N ALA A 62 1.51 -6.58 12.32
CA ALA A 62 0.88 -7.62 11.52
C ALA A 62 1.93 -8.37 10.72
N CYS A 63 1.65 -9.65 10.47
CA CYS A 63 2.48 -10.47 9.61
C CYS A 63 1.58 -11.13 8.59
N ILE A 64 1.85 -10.88 7.31
CA ILE A 64 1.09 -11.43 6.20
C ILE A 64 1.93 -12.47 5.49
N LEU A 65 1.45 -13.72 5.47
CA LEU A 65 2.12 -14.79 4.75
C LEU A 65 1.71 -14.79 3.29
N VAL A 66 2.69 -14.90 2.38
CA VAL A 66 2.47 -15.01 0.95
C VAL A 66 3.26 -16.21 0.43
N CYS A 67 2.78 -16.81 -0.65
CA CYS A 67 3.47 -17.92 -1.27
C CYS A 67 4.74 -17.44 -1.98
N ASP A 68 5.67 -18.38 -2.23
CA ASP A 68 6.90 -18.01 -2.94
C ASP A 68 6.67 -18.13 -4.46
N ILE A 69 7.75 -18.14 -5.24
CA ILE A 69 7.64 -18.01 -6.70
C ILE A 69 6.92 -19.21 -7.32
N THR A 70 6.99 -20.38 -6.68
CA THR A 70 6.45 -21.62 -7.26
C THR A 70 4.93 -21.65 -7.34
N ARG A 71 4.23 -20.71 -6.69
CA ARG A 71 2.79 -20.63 -6.80
C ARG A 71 2.41 -19.35 -7.54
N PRO A 72 1.65 -19.42 -8.58
CA PRO A 72 1.26 -18.23 -9.35
C PRO A 72 0.08 -17.44 -8.75
N VAL A 73 0.17 -17.13 -7.46
CA VAL A 73 -0.84 -16.30 -6.79
C VAL A 73 -0.77 -14.88 -7.34
N PRO A 74 -1.88 -14.30 -7.79
CA PRO A 74 -1.89 -12.88 -8.15
C PRO A 74 -1.89 -12.01 -6.91
N ASN A 75 -0.74 -11.97 -6.23
CA ASN A 75 -0.68 -11.39 -4.89
C ASN A 75 -1.17 -9.95 -4.80
N PRO A 76 -0.84 -9.04 -5.73
CA PRO A 76 -1.32 -7.66 -5.57
C PRO A 76 -2.82 -7.54 -5.52
N VAL A 77 -3.56 -8.42 -6.22
CA VAL A 77 -5.02 -8.41 -6.18
C VAL A 77 -5.51 -8.71 -4.77
N LEU A 78 -4.82 -9.59 -4.06
CA LEU A 78 -5.19 -9.93 -2.69
C LEU A 78 -4.64 -8.92 -1.71
N LEU A 79 -3.40 -8.45 -1.94
CA LEU A 79 -2.68 -7.66 -0.94
C LEU A 79 -3.12 -6.21 -0.90
N ARG A 80 -3.38 -5.59 -2.05
CA ARG A 80 -3.77 -4.19 -1.99
C ARG A 80 -4.98 -3.98 -1.09
N PRO A 81 -6.06 -4.77 -1.17
CA PRO A 81 -7.18 -4.56 -0.24
C PRO A 81 -6.82 -4.82 1.22
N ILE A 82 -6.03 -5.85 1.49
CA ILE A 82 -5.60 -6.13 2.86
C ILE A 82 -4.81 -4.97 3.43
N LEU A 83 -3.83 -4.50 2.65
CA LEU A 83 -2.96 -3.41 3.11
C LEU A 83 -3.71 -2.10 3.27
N ARG A 84 -4.69 -1.81 2.42
CA ARG A 84 -5.52 -0.64 2.64
C ARG A 84 -6.29 -0.76 3.95
N THR A 85 -6.84 -1.95 4.22
CA THR A 85 -7.62 -2.14 5.44
C THR A 85 -6.74 -2.00 6.68
N LEU A 86 -5.53 -2.56 6.65
CA LEU A 86 -4.62 -2.41 7.78
C LEU A 86 -4.22 -0.96 7.99
N HIS A 87 -3.98 -0.22 6.90
CA HIS A 87 -3.67 1.19 7.04
C HIS A 87 -4.84 1.93 7.67
N ALA A 88 -6.06 1.64 7.21
CA ALA A 88 -7.25 2.28 7.75
C ALA A 88 -7.39 2.01 9.24
N ALA A 89 -7.01 0.81 9.67
CA ALA A 89 -7.11 0.40 11.08
C ALA A 89 -6.04 1.03 11.95
N GLY A 90 -5.07 1.70 11.35
CA GLY A 90 -4.08 2.43 12.14
C GLY A 90 -2.72 1.82 12.18
N LEU A 91 -2.47 0.70 11.48
CA LEU A 91 -1.14 0.11 11.49
C LEU A 91 -0.26 0.88 10.51
N ALA A 92 0.92 1.29 10.98
CA ALA A 92 1.88 1.95 10.10
C ALA A 92 2.54 0.91 9.19
N THR A 93 3.00 1.36 8.02
CA THR A 93 3.64 0.43 7.10
C THR A 93 4.84 -0.25 7.76
N GLN A 94 5.58 0.45 8.63
CA GLN A 94 6.68 -0.15 9.37
C GLN A 94 6.21 -1.24 10.34
N ASP A 95 4.95 -1.26 10.73
CA ASP A 95 4.43 -2.31 11.60
C ASP A 95 4.00 -3.56 10.86
N ILE A 96 4.10 -3.58 9.53
CA ILE A 96 3.60 -4.69 8.72
C ILE A 96 4.77 -5.43 8.11
N LEU A 97 4.80 -6.75 8.30
CA LEU A 97 5.79 -7.62 7.67
C LEU A 97 5.10 -8.50 6.65
N ILE A 98 5.63 -8.55 5.43
CA ILE A 98 5.24 -9.57 4.46
C ILE A 98 6.30 -10.66 4.53
N LEU A 99 5.89 -11.88 4.90
CA LEU A 99 6.80 -12.99 5.11
C LEU A 99 6.56 -14.03 4.02
N VAL A 100 7.59 -14.32 3.22
CA VAL A 100 7.45 -15.30 2.13
C VAL A 100 7.54 -16.69 2.71
N ALA A 101 6.46 -17.46 2.56
CA ALA A 101 6.30 -18.76 3.18
C ALA A 101 6.94 -19.81 2.26
N THR A 102 8.26 -19.87 2.34
CA THR A 102 9.06 -20.75 1.50
C THR A 102 8.92 -22.24 1.84
N GLY A 103 8.42 -22.59 3.01
CA GLY A 103 8.59 -23.97 3.47
C GLY A 103 10.09 -24.23 3.60
N LEU A 104 10.56 -25.29 2.94
CA LEU A 104 12.00 -25.57 2.89
C LEU A 104 12.62 -25.16 1.57
N HIS A 105 11.86 -24.44 0.73
CA HIS A 105 12.46 -23.93 -0.49
C HIS A 105 13.49 -22.86 -0.19
N ARG A 106 14.37 -22.62 -1.18
CA ARG A 106 15.32 -21.51 -1.21
C ARG A 106 14.59 -20.18 -1.03
N PRO A 107 15.26 -19.14 -0.54
CA PRO A 107 14.60 -17.85 -0.42
C PRO A 107 14.28 -17.27 -1.79
N SER A 108 13.27 -16.41 -1.82
CA SER A 108 12.99 -15.68 -3.05
C SER A 108 14.06 -14.62 -3.29
N THR A 109 14.34 -14.35 -4.56
CA THR A 109 15.29 -13.31 -4.91
C THR A 109 14.62 -11.93 -4.91
N PRO A 110 15.40 -10.85 -4.98
CA PRO A 110 14.78 -9.51 -5.14
C PRO A 110 13.87 -9.41 -6.36
N ALA A 111 14.31 -9.95 -7.50
CA ALA A 111 13.48 -9.86 -8.70
C ALA A 111 12.21 -10.68 -8.57
N GLU A 112 12.30 -11.80 -7.86
CA GLU A 112 11.13 -12.64 -7.64
C GLU A 112 10.12 -11.93 -6.73
N LYS A 113 10.62 -11.20 -5.73
CA LYS A 113 9.71 -10.43 -4.88
C LYS A 113 8.95 -9.40 -5.68
N VAL A 114 9.61 -8.80 -6.67
CA VAL A 114 8.91 -7.85 -7.52
C VAL A 114 7.89 -8.55 -8.39
N GLU A 115 8.25 -9.72 -8.94
CA GLU A 115 7.29 -10.41 -9.80
C GLU A 115 6.12 -10.98 -8.98
N MET A 116 6.37 -11.40 -7.73
CA MET A 116 5.27 -11.91 -6.92
C MET A 116 4.36 -10.81 -6.40
N LEU A 117 4.94 -9.67 -5.98
CA LEU A 117 4.20 -8.72 -5.16
C LEU A 117 3.91 -7.40 -5.86
N SER A 118 4.53 -7.15 -7.02
CA SER A 118 4.51 -5.88 -7.75
C SER A 118 5.60 -4.98 -7.19
N GLU A 119 6.12 -4.07 -8.02
CA GLU A 119 7.22 -3.23 -7.55
C GLU A 119 6.78 -2.31 -6.41
N GLU A 120 5.55 -1.79 -6.48
CA GLU A 120 5.10 -0.85 -5.46
C GLU A 120 5.16 -1.47 -4.07
N ILE A 121 4.64 -2.69 -3.92
CA ILE A 121 4.60 -3.34 -2.60
C ILE A 121 6.01 -3.77 -2.18
N ALA A 122 6.78 -4.35 -3.09
CA ALA A 122 8.13 -4.80 -2.77
C ALA A 122 9.04 -3.66 -2.32
N ARG A 123 8.80 -2.44 -2.81
CA ARG A 123 9.66 -1.32 -2.44
C ARG A 123 9.19 -0.60 -1.18
N THR A 124 7.94 -0.79 -0.76
CA THR A 124 7.34 -0.03 0.34
C THR A 124 7.34 -0.78 1.67
N TYR A 125 7.06 -2.09 1.63
CA TYR A 125 6.90 -2.88 2.84
C TYR A 125 8.14 -3.72 3.08
N ARG A 126 8.39 -4.06 4.34
CA ARG A 126 9.41 -5.05 4.64
C ARG A 126 8.94 -6.42 4.14
N VAL A 127 9.75 -7.04 3.30
CA VAL A 127 9.46 -8.37 2.73
C VAL A 127 10.67 -9.23 3.04
N GLU A 128 10.47 -10.27 3.87
CA GLU A 128 11.50 -11.19 4.31
C GLU A 128 11.09 -12.64 4.00
N ASP A 129 12.08 -13.51 4.00
CA ASP A 129 11.91 -14.90 3.60
C ASP A 129 11.96 -15.80 4.82
N HIS A 130 11.19 -16.87 4.79
CA HIS A 130 11.35 -17.94 5.77
C HIS A 130 12.56 -18.80 5.45
N TYR A 131 13.29 -19.23 6.49
CA TYR A 131 14.46 -20.11 6.35
C TYR A 131 14.24 -21.34 7.22
N GLY A 132 13.76 -22.43 6.60
CA GLY A 132 13.36 -23.58 7.39
C GLY A 132 14.49 -24.32 8.07
N THR A 133 15.72 -24.17 7.58
CA THR A 133 16.83 -24.85 8.26
C THR A 133 17.43 -24.02 9.38
N ARG A 134 16.87 -22.85 9.69
CA ARG A 134 17.36 -21.99 10.77
C ARG A 134 16.41 -22.13 11.97
N LEU A 135 16.67 -23.10 12.85
CA LEU A 135 15.75 -23.34 13.95
C LEU A 135 15.68 -22.14 14.89
N GLU A 136 16.77 -21.37 14.98
CA GLU A 136 16.78 -20.22 15.88
C GLU A 136 15.77 -19.15 15.48
N GLU A 137 15.29 -19.16 14.24
CA GLU A 137 14.26 -18.22 13.83
C GLU A 137 12.84 -18.74 14.08
N HIS A 138 12.68 -19.84 14.82
CA HIS A 138 11.37 -20.43 15.03
C HIS A 138 11.06 -20.53 16.52
N THR A 139 9.77 -20.56 16.83
CA THR A 139 9.27 -20.74 18.20
C THR A 139 8.58 -22.10 18.33
N TYR A 140 8.86 -22.80 19.44
CA TYR A 140 8.21 -24.08 19.70
C TYR A 140 6.82 -23.86 20.31
N LEU A 141 5.80 -24.51 19.74
CA LEU A 141 4.42 -24.32 20.17
C LEU A 141 3.81 -25.55 20.82
N GLY A 142 4.53 -26.66 20.90
CA GLY A 142 3.97 -27.90 21.40
C GLY A 142 4.22 -29.03 20.43
N THR A 143 3.86 -30.24 20.88
CA THR A 143 4.01 -31.44 20.07
C THR A 143 2.64 -32.08 19.88
N THR A 144 2.34 -32.50 18.65
CA THR A 144 1.05 -33.12 18.35
C THR A 144 0.98 -34.52 18.93
N PRO A 145 -0.23 -35.08 19.03
CA PRO A 145 -0.36 -36.47 19.49
C PRO A 145 0.40 -37.46 18.62
N ASN A 146 0.61 -37.18 17.33
CA ASN A 146 1.43 -38.03 16.48
C ASN A 146 2.93 -37.86 16.73
N GLY A 147 3.32 -36.97 17.64
CA GLY A 147 4.74 -36.78 17.93
C GLY A 147 5.47 -35.78 17.07
N VAL A 148 4.76 -34.91 16.35
CA VAL A 148 5.41 -33.91 15.49
C VAL A 148 5.56 -32.62 16.28
N PRO A 149 6.77 -32.14 16.52
CA PRO A 149 6.93 -30.87 17.22
C PRO A 149 6.61 -29.72 16.28
N ALA A 150 5.92 -28.71 16.80
CA ALA A 150 5.49 -27.56 15.99
C ALA A 150 6.45 -26.39 16.21
N TRP A 151 7.28 -26.10 15.21
CA TRP A 151 8.24 -25.01 15.21
C TRP A 151 7.86 -24.03 14.09
N ILE A 152 7.43 -22.82 14.46
CA ILE A 152 6.85 -21.87 13.52
C ILE A 152 7.61 -20.54 13.61
N ASP A 153 7.79 -19.88 12.46
CA ASP A 153 8.60 -18.65 12.41
C ASP A 153 8.19 -17.65 13.46
N SER A 154 9.18 -17.15 14.21
CA SER A 154 8.90 -16.29 15.35
C SER A 154 8.30 -14.96 14.97
N ARG A 155 8.60 -14.47 13.76
CA ARG A 155 8.02 -13.19 13.32
C ARG A 155 6.51 -13.28 13.18
N TYR A 156 6.01 -14.44 12.75
CA TYR A 156 4.57 -14.66 12.68
C TYR A 156 3.97 -14.89 14.05
N VAL A 157 4.61 -15.75 14.85
CA VAL A 157 4.07 -16.11 16.16
C VAL A 157 3.96 -14.87 17.05
N GLN A 158 4.93 -13.96 16.94
CA GLN A 158 4.93 -12.77 17.79
C GLN A 158 4.08 -11.62 17.25
N ALA A 159 3.55 -11.70 16.02
CA ALA A 159 2.76 -10.58 15.50
C ALA A 159 1.37 -10.56 16.12
N ASP A 160 0.85 -9.33 16.39
CA ASP A 160 -0.50 -9.20 16.97
C ASP A 160 -1.57 -9.75 16.05
N LEU A 161 -1.46 -9.47 14.75
CA LEU A 161 -2.44 -9.86 13.75
C LEU A 161 -1.77 -10.77 12.72
N LYS A 162 -2.32 -11.96 12.53
CA LYS A 162 -1.74 -12.99 11.66
C LYS A 162 -2.65 -13.20 10.45
N ILE A 163 -2.10 -12.98 9.24
CA ILE A 163 -2.88 -13.07 8.00
C ILE A 163 -2.15 -13.98 7.02
N ALA A 164 -2.89 -14.79 6.27
CA ALA A 164 -2.26 -15.69 5.29
C ALA A 164 -3.02 -15.63 3.97
N THR A 165 -2.29 -15.58 2.86
CA THR A 165 -2.88 -15.54 1.53
C THR A 165 -2.43 -16.77 0.74
N GLY A 166 -3.18 -17.16 -0.27
CA GLY A 166 -2.75 -18.33 -1.01
C GLY A 166 -3.71 -18.76 -2.09
N LEU A 167 -3.44 -19.96 -2.60
CA LEU A 167 -4.05 -20.47 -3.82
C LEU A 167 -4.46 -21.92 -3.61
N ILE A 168 -5.72 -22.24 -3.89
CA ILE A 168 -6.24 -23.59 -3.69
C ILE A 168 -6.15 -24.35 -5.02
N GLU A 169 -5.25 -25.33 -5.07
CA GLU A 169 -4.97 -26.24 -6.18
C GLU A 169 -4.78 -27.64 -5.61
N PRO A 170 -4.90 -28.68 -6.44
CA PRO A 170 -4.56 -30.03 -5.95
C PRO A 170 -3.11 -30.12 -5.49
N HIS A 171 -2.87 -30.95 -4.48
CA HIS A 171 -1.52 -31.12 -3.96
C HIS A 171 -1.29 -32.61 -3.69
N LEU A 172 -0.11 -33.08 -4.10
CA LEU A 172 0.17 -34.52 -4.14
C LEU A 172 0.34 -35.12 -2.75
N MET A 173 0.59 -34.30 -1.72
CA MET A 173 0.64 -34.83 -0.36
C MET A 173 -0.52 -34.37 0.51
N ALA A 174 -0.89 -33.09 0.43
CA ALA A 174 -1.83 -32.51 1.36
C ALA A 174 -3.25 -32.46 0.80
N GLY A 175 -3.47 -33.05 -0.37
CA GLY A 175 -4.80 -33.05 -0.97
C GLY A 175 -5.06 -31.82 -1.80
N TYR A 176 -5.08 -30.68 -1.12
CA TYR A 176 -5.19 -29.37 -1.75
C TYR A 176 -4.23 -28.43 -1.04
N SER A 177 -3.65 -27.50 -1.80
CA SER A 177 -2.87 -26.40 -1.25
CA SER A 177 -2.88 -26.44 -1.20
C SER A 177 -3.81 -25.33 -0.71
N GLY A 178 -3.25 -24.43 0.09
CA GLY A 178 -4.00 -23.29 0.58
C GLY A 178 -4.27 -23.38 2.07
N GLY A 179 -4.99 -22.36 2.56
CA GLY A 179 -5.38 -22.29 3.96
C GLY A 179 -4.22 -22.54 4.92
N ARG A 180 -4.41 -23.56 5.74
CA ARG A 180 -3.44 -23.95 6.78
CA ARG A 180 -3.44 -23.95 6.78
C ARG A 180 -2.02 -24.21 6.26
N LYS A 181 -1.85 -24.55 4.98
CA LYS A 181 -0.54 -24.94 4.48
C LYS A 181 0.47 -23.78 4.43
N LEU A 182 -0.03 -22.52 4.41
CA LEU A 182 0.87 -21.38 4.54
C LEU A 182 1.62 -21.40 5.87
N ILE A 183 1.04 -21.99 6.91
CA ILE A 183 1.73 -22.06 8.20
C ILE A 183 2.59 -23.32 8.31
N CYS A 184 1.98 -24.48 8.04
CA CYS A 184 2.68 -25.76 8.01
C CYS A 184 2.55 -26.36 6.63
N PRO A 185 3.63 -26.38 5.80
CA PRO A 185 5.04 -26.13 6.13
C PRO A 185 5.55 -24.71 5.84
N GLY A 186 4.66 -23.84 5.34
CA GLY A 186 5.09 -22.58 4.76
C GLY A 186 6.07 -21.80 5.62
N ILE A 187 5.85 -21.78 6.94
CA ILE A 187 6.80 -21.11 7.82
C ILE A 187 7.19 -22.04 8.98
N ALA A 188 7.31 -23.33 8.71
CA ALA A 188 7.69 -24.30 9.72
C ALA A 188 9.15 -24.74 9.55
N ALA A 189 9.79 -25.10 10.65
CA ALA A 189 11.19 -25.49 10.60
C ALA A 189 11.34 -26.92 10.08
N PHE A 190 12.54 -27.23 9.55
CA PHE A 190 12.85 -28.60 9.16
C PHE A 190 12.57 -29.60 10.29
N GLU A 191 12.77 -29.19 11.54
CA GLU A 191 12.51 -30.08 12.67
C GLU A 191 11.06 -30.54 12.69
N THR A 192 10.14 -29.70 12.23
CA THR A 192 8.74 -30.08 12.05
C THR A 192 8.55 -30.81 10.72
N VAL A 193 9.02 -30.22 9.61
CA VAL A 193 8.68 -30.73 8.28
C VAL A 193 9.32 -32.09 8.00
N LYS A 194 10.52 -32.38 8.53
CA LYS A 194 11.12 -33.68 8.24
C LYS A 194 10.23 -34.84 8.72
N LEU A 195 9.47 -34.62 9.82
CA LEU A 195 8.59 -35.67 10.32
C LEU A 195 7.25 -35.67 9.61
N TRP A 196 6.71 -34.48 9.31
CA TRP A 196 5.41 -34.37 8.67
C TRP A 196 5.47 -34.83 7.21
N HIS A 197 6.62 -34.64 6.56
CA HIS A 197 6.90 -35.18 5.23
CA HIS A 197 6.90 -35.18 5.24
C HIS A 197 7.67 -36.49 5.29
N GLY A 198 7.61 -37.21 6.42
CA GLY A 198 8.27 -38.49 6.53
C GLY A 198 7.42 -39.61 5.96
N PRO A 199 8.05 -40.77 5.76
CA PRO A 199 7.31 -41.88 5.11
C PRO A 199 6.10 -42.36 5.89
N ARG A 200 6.07 -42.21 7.21
CA ARG A 200 4.88 -42.62 7.95
C ARG A 200 3.65 -41.84 7.51
N PHE A 201 3.83 -40.61 7.03
CA PHE A 201 2.74 -39.84 6.44
C PHE A 201 2.61 -40.09 4.94
N LEU A 202 3.72 -40.06 4.20
CA LEU A 202 3.58 -39.95 2.75
C LEU A 202 3.23 -41.27 2.09
N GLU A 203 3.46 -42.39 2.75
CA GLU A 203 3.09 -43.69 2.23
C GLU A 203 1.64 -44.04 2.51
N HIS A 204 0.90 -43.20 3.24
CA HIS A 204 -0.50 -43.45 3.47
C HIS A 204 -1.27 -43.37 2.15
N PRO A 205 -2.20 -44.29 1.90
CA PRO A 205 -2.91 -44.26 0.60
C PRO A 205 -3.69 -42.98 0.34
N LEU A 206 -4.13 -42.27 1.37
CA LEU A 206 -4.88 -41.03 1.17
C LEU A 206 -4.01 -39.78 1.19
N ALA A 207 -2.68 -39.93 1.28
CA ALA A 207 -1.78 -38.80 1.14
C ALA A 207 -1.57 -38.61 -0.37
N ASP A 208 -2.53 -37.93 -1.00
CA ASP A 208 -2.63 -37.91 -2.45
C ASP A 208 -3.55 -36.77 -2.87
N CYS A 209 -3.49 -36.39 -4.14
CA CYS A 209 -4.29 -35.27 -4.61
C CYS A 209 -5.78 -35.48 -4.32
N GLY A 210 -6.42 -34.43 -3.84
CA GLY A 210 -7.86 -34.40 -3.69
C GLY A 210 -8.42 -34.97 -2.39
N PHE A 211 -7.60 -35.56 -1.54
CA PHE A 211 -8.07 -36.13 -0.29
C PHE A 211 -7.78 -35.19 0.88
N LEU A 212 -8.81 -34.87 1.67
CA LEU A 212 -8.65 -34.08 2.88
C LEU A 212 -9.05 -34.93 4.09
N GLU A 213 -10.34 -35.20 4.25
CA GLU A 213 -10.78 -36.10 5.32
C GLU A 213 -10.11 -37.45 5.14
N GLY A 214 -9.48 -37.95 6.22
CA GLY A 214 -8.81 -39.23 6.19
C GLY A 214 -7.38 -39.18 5.72
N ASN A 215 -6.95 -38.06 5.12
CA ASN A 215 -5.56 -37.85 4.74
C ASN A 215 -4.78 -37.37 5.96
N PRO A 216 -3.88 -38.19 6.53
CA PRO A 216 -3.18 -37.76 7.74
C PRO A 216 -2.28 -36.54 7.53
N VAL A 217 -1.84 -36.28 6.29
CA VAL A 217 -1.07 -35.08 6.01
C VAL A 217 -1.90 -33.83 6.28
N HIS A 218 -3.14 -33.82 5.77
CA HIS A 218 -4.03 -32.68 5.98
C HIS A 218 -4.48 -32.57 7.44
N GLU A 219 -4.78 -33.71 8.08
CA GLU A 219 -5.17 -33.66 9.49
C GLU A 219 -4.06 -33.03 10.33
N GLU A 220 -2.81 -33.35 10.02
CA GLU A 220 -1.71 -32.92 10.85
C GLU A 220 -1.32 -31.46 10.55
N ASN A 221 -1.35 -31.01 9.28
CA ASN A 221 -0.97 -29.61 9.14
C ASN A 221 -2.10 -28.66 9.56
N THR A 222 -3.35 -29.12 9.54
CA THR A 222 -4.43 -28.33 10.13
C THR A 222 -4.22 -28.18 11.63
N ARG A 223 -3.85 -29.26 12.31
CA ARG A 223 -3.63 -29.21 13.75
C ARG A 223 -2.46 -28.29 14.09
N ILE A 224 -1.35 -28.44 13.37
CA ILE A 224 -0.18 -27.61 13.62
C ILE A 224 -0.47 -26.14 13.34
N ALA A 225 -1.18 -25.84 12.24
CA ALA A 225 -1.50 -24.46 11.93
C ALA A 225 -2.37 -23.84 13.03
N ARG A 226 -3.28 -24.63 13.62
CA ARG A 226 -4.14 -24.12 14.67
C ARG A 226 -3.40 -23.92 15.99
N MET A 227 -2.29 -24.65 16.22
CA MET A 227 -1.48 -24.29 17.38
C MET A 227 -0.74 -22.96 17.22
N ALA A 228 -0.46 -22.54 15.99
CA ALA A 228 0.10 -21.20 15.77
C ALA A 228 -0.98 -20.15 15.72
N GLY A 229 -2.13 -20.49 15.15
CA GLY A 229 -3.19 -19.54 14.93
C GLY A 229 -3.06 -18.84 13.59
N CYS A 230 -4.18 -18.30 13.14
CA CYS A 230 -4.23 -17.47 11.96
C CYS A 230 -5.53 -16.70 12.06
N ASP A 231 -5.44 -15.37 12.10
CA ASP A 231 -6.65 -14.59 12.31
C ASP A 231 -7.49 -14.46 11.05
N PHE A 232 -6.88 -14.51 9.86
CA PHE A 232 -7.62 -14.21 8.65
C PHE A 232 -6.88 -14.78 7.44
N ILE A 233 -7.59 -15.49 6.57
CA ILE A 233 -6.99 -15.90 5.29
C ILE A 233 -7.75 -15.25 4.14
N VAL A 234 -7.06 -15.15 3.00
CA VAL A 234 -7.67 -14.83 1.72
C VAL A 234 -7.09 -15.85 0.74
N ASN A 235 -7.95 -16.67 0.14
CA ASN A 235 -7.51 -17.66 -0.84
C ASN A 235 -8.28 -17.50 -2.14
N VAL A 236 -7.63 -17.83 -3.26
CA VAL A 236 -8.28 -17.80 -4.58
C VAL A 236 -8.14 -19.15 -5.28
N THR A 237 -8.99 -19.35 -6.28
CA THR A 237 -8.83 -20.40 -7.27
C THR A 237 -8.62 -19.75 -8.65
N LEU A 238 -7.88 -20.43 -9.51
CA LEU A 238 -7.54 -19.94 -10.84
C LEU A 238 -8.01 -20.93 -11.90
N ASP A 239 -8.42 -20.43 -13.07
CA ASP A 239 -8.74 -21.33 -14.15
C ASP A 239 -7.49 -21.59 -14.99
N GLY A 240 -7.64 -22.25 -16.14
CA GLY A 240 -6.48 -22.64 -16.92
C GLY A 240 -5.68 -21.48 -17.46
N ALA A 241 -6.35 -20.36 -17.75
CA ALA A 241 -5.71 -19.14 -18.22
C ALA A 241 -5.27 -18.24 -17.06
N ARG A 242 -5.27 -18.77 -15.83
CA ARG A 242 -4.79 -18.07 -14.63
C ARG A 242 -5.66 -16.87 -14.27
N ARG A 243 -6.95 -16.92 -14.61
CA ARG A 243 -7.88 -15.92 -14.13
C ARG A 243 -8.56 -16.42 -12.86
N ILE A 244 -8.84 -15.49 -11.94
CA ILE A 244 -9.42 -15.84 -10.64
C ILE A 244 -10.88 -16.22 -10.84
N THR A 245 -11.26 -17.40 -10.33
CA THR A 245 -12.64 -17.88 -10.43
C THR A 245 -13.37 -17.90 -9.08
N SER A 246 -12.66 -17.75 -7.97
CA SER A 246 -13.33 -17.60 -6.69
C SER A 246 -12.39 -16.95 -5.68
N VAL A 247 -12.99 -16.27 -4.73
CA VAL A 247 -12.29 -15.69 -3.58
C VAL A 247 -12.99 -16.17 -2.33
N VAL A 248 -12.22 -16.67 -1.35
CA VAL A 248 -12.73 -16.94 -0.02
C VAL A 248 -11.89 -16.18 0.99
N ALA A 249 -12.53 -15.65 2.02
CA ALA A 249 -11.82 -14.91 3.04
C ALA A 249 -12.44 -15.20 4.39
N GLY A 250 -11.61 -15.22 5.43
CA GLY A 250 -12.13 -15.38 6.79
C GLY A 250 -11.38 -16.41 7.60
N ASP A 251 -12.14 -17.21 8.35
CA ASP A 251 -11.57 -18.24 9.22
C ASP A 251 -10.68 -19.20 8.44
N MET A 252 -9.55 -19.57 9.02
CA MET A 252 -8.57 -20.36 8.28
C MET A 252 -9.13 -21.72 7.87
N GLU A 253 -9.96 -22.35 8.71
CA GLU A 253 -10.52 -23.61 8.23
C GLU A 253 -11.81 -23.46 7.43
N GLN A 254 -12.73 -22.59 7.86
CA GLN A 254 -14.03 -22.53 7.18
C GLN A 254 -13.90 -21.93 5.80
N ALA A 255 -13.07 -20.89 5.64
CA ALA A 255 -12.93 -20.28 4.32
C ALA A 255 -12.20 -21.23 3.39
N PHE A 256 -11.18 -21.92 3.89
CA PHE A 256 -10.46 -22.90 3.08
C PHE A 256 -11.44 -23.95 2.56
N LEU A 257 -12.24 -24.53 3.45
CA LEU A 257 -13.13 -25.62 3.05
C LEU A 257 -14.19 -25.16 2.06
N LYS A 258 -14.64 -23.91 2.17
CA LYS A 258 -15.53 -23.37 1.16
C LYS A 258 -14.84 -23.25 -0.20
N GLY A 259 -13.58 -22.80 -0.19
CA GLY A 259 -12.83 -22.74 -1.44
C GLY A 259 -12.63 -24.11 -2.06
N VAL A 260 -12.36 -25.12 -1.21
CA VAL A 260 -12.18 -26.48 -1.69
C VAL A 260 -13.48 -27.02 -2.29
N ALA A 261 -14.60 -26.76 -1.63
CA ALA A 261 -15.89 -27.20 -2.15
C ALA A 261 -16.12 -26.68 -3.56
N PHE A 262 -15.75 -25.43 -3.83
CA PHE A 262 -15.85 -24.91 -5.21
C PHE A 262 -14.85 -25.59 -6.14
N VAL A 263 -13.58 -25.69 -5.73
CA VAL A 263 -12.58 -26.18 -6.67
C VAL A 263 -12.85 -27.64 -7.02
N GLU A 264 -13.40 -28.40 -6.07
CA GLU A 264 -13.77 -29.79 -6.36
C GLU A 264 -14.78 -29.91 -7.49
N THR A 265 -15.60 -28.87 -7.73
CA THR A 265 -16.59 -28.94 -8.81
C THR A 265 -16.02 -28.61 -10.18
N VAL A 266 -14.76 -28.20 -10.28
CA VAL A 266 -14.19 -27.87 -11.57
C VAL A 266 -12.91 -28.62 -11.88
N VAL A 267 -12.17 -29.13 -10.88
CA VAL A 267 -10.85 -29.67 -11.20
CA VAL A 267 -10.84 -29.68 -11.16
C VAL A 267 -10.88 -31.10 -11.68
N LYS A 268 -11.96 -31.84 -11.42
CA LYS A 268 -12.00 -33.24 -11.81
C LYS A 268 -12.29 -33.40 -13.31
N ALA A 269 -11.53 -34.28 -13.96
CA ALA A 269 -11.72 -34.59 -15.37
C ALA A 269 -11.62 -36.11 -15.52
N ALA A 270 -12.62 -36.75 -16.08
CA ALA A 270 -12.72 -38.20 -16.02
C ALA A 270 -12.45 -38.85 -17.37
N VAL A 271 -11.89 -40.06 -17.31
CA VAL A 271 -11.77 -40.95 -18.45
C VAL A 271 -12.58 -42.20 -18.14
N PRO A 272 -13.05 -42.91 -19.17
CA PRO A 272 -13.81 -44.14 -18.90
C PRO A 272 -12.98 -45.28 -18.31
N ALA A 273 -11.68 -45.34 -18.62
CA ALA A 273 -10.83 -46.42 -18.16
C ALA A 273 -9.39 -45.93 -18.16
N PRO A 274 -8.52 -46.51 -17.33
CA PRO A 274 -7.11 -46.12 -17.37
C PRO A 274 -6.50 -46.46 -18.72
N VAL A 275 -5.44 -45.72 -19.09
CA VAL A 275 -4.85 -45.84 -20.41
C VAL A 275 -3.37 -46.18 -20.30
N ASP A 276 -2.82 -46.67 -21.41
CA ASP A 276 -1.42 -47.09 -21.43
C ASP A 276 -0.46 -45.92 -21.48
N VAL A 277 -0.86 -44.79 -22.06
CA VAL A 277 0.03 -43.65 -22.26
C VAL A 277 -0.69 -42.39 -21.78
N VAL A 278 -0.09 -41.68 -20.84
CA VAL A 278 -0.63 -40.39 -20.39
C VAL A 278 0.40 -39.31 -20.69
N VAL A 279 0.00 -38.30 -21.48
CA VAL A 279 0.84 -37.14 -21.74
C VAL A 279 0.45 -36.01 -20.79
N THR A 280 1.42 -35.42 -20.11
CA THR A 280 1.06 -34.38 -19.15
C THR A 280 2.15 -33.31 -19.13
N SER A 281 1.92 -32.28 -18.35
CA SER A 281 2.87 -31.21 -18.15
C SER A 281 3.14 -31.08 -16.66
N SER A 282 3.97 -30.10 -16.31
CA SER A 282 4.15 -29.67 -14.93
C SER A 282 3.53 -28.30 -14.70
N ALA A 283 2.45 -27.98 -15.44
CA ALA A 283 1.66 -26.76 -15.30
C ALA A 283 2.41 -25.49 -15.71
N GLY A 284 3.51 -25.61 -16.45
CA GLY A 284 4.18 -24.42 -16.95
C GLY A 284 4.83 -23.57 -15.85
N HIS A 285 5.25 -22.37 -16.27
CA HIS A 285 5.84 -21.42 -15.35
C HIS A 285 4.76 -20.90 -14.42
N PRO A 286 5.03 -20.81 -13.11
CA PRO A 286 6.29 -21.01 -12.41
C PRO A 286 6.52 -22.40 -11.80
N LEU A 287 5.51 -23.28 -11.82
CA LEU A 287 5.68 -24.56 -11.13
C LEU A 287 6.81 -25.37 -11.75
N ASP A 288 6.97 -25.31 -13.07
CA ASP A 288 7.86 -26.25 -13.74
C ASP A 288 9.30 -25.75 -13.79
N LEU A 289 9.69 -24.83 -12.89
CA LEU A 289 11.06 -24.34 -12.84
C LEU A 289 12.08 -25.43 -12.53
N THR A 290 11.73 -26.43 -11.69
CA THR A 290 12.68 -27.45 -11.31
C THR A 290 12.10 -28.85 -11.45
N PHE A 291 13.01 -29.82 -11.65
CA PHE A 291 12.59 -31.21 -11.71
C PHE A 291 11.94 -31.63 -10.39
N TYR A 292 12.43 -31.07 -9.27
CA TYR A 292 11.84 -31.30 -7.95
C TYR A 292 10.33 -31.06 -7.95
N GLN A 293 9.89 -29.94 -8.56
CA GLN A 293 8.45 -29.65 -8.60
C GLN A 293 7.74 -30.45 -9.68
N ALA A 294 8.42 -30.72 -10.81
CA ALA A 294 7.82 -31.44 -11.92
C ALA A 294 7.39 -32.86 -11.56
N VAL A 295 7.92 -33.42 -10.48
CA VAL A 295 7.40 -34.70 -10.01
C VAL A 295 5.90 -34.64 -9.79
N LYS A 296 5.36 -33.45 -9.49
CA LYS A 296 3.91 -33.27 -9.32
C LYS A 296 3.11 -33.65 -10.56
N GLY A 297 3.63 -33.38 -11.76
CA GLY A 297 2.91 -33.82 -12.95
C GLY A 297 2.86 -35.32 -13.06
N LEU A 298 3.93 -35.99 -12.62
CA LEU A 298 3.96 -37.45 -12.64
C LEU A 298 2.97 -38.05 -11.65
N THR A 299 2.99 -37.59 -10.40
CA THR A 299 2.02 -38.14 -9.45
C THR A 299 0.59 -37.78 -9.84
N GLY A 300 0.39 -36.62 -10.46
CA GLY A 300 -0.96 -36.24 -10.87
C GLY A 300 -1.55 -37.18 -11.91
N ALA A 301 -0.71 -37.75 -12.78
CA ALA A 301 -1.18 -38.66 -13.83
C ALA A 301 -1.46 -40.07 -13.35
N LEU A 302 -0.97 -40.45 -12.16
CA LEU A 302 -1.08 -41.83 -11.71
C LEU A 302 -2.48 -42.42 -11.74
N PRO A 303 -3.54 -41.74 -11.28
CA PRO A 303 -4.86 -42.40 -11.24
C PRO A 303 -5.39 -42.89 -12.57
N ILE A 304 -4.94 -42.34 -13.71
CA ILE A 304 -5.48 -42.76 -14.99
C ILE A 304 -4.49 -43.52 -15.86
N VAL A 305 -3.29 -43.83 -15.38
CA VAL A 305 -2.37 -44.68 -16.13
C VAL A 305 -2.51 -46.14 -15.67
N LYS A 306 -2.49 -47.07 -16.63
CA LYS A 306 -2.53 -48.49 -16.30
C LYS A 306 -1.23 -48.90 -15.63
N PRO A 307 -1.27 -49.82 -14.67
CA PRO A 307 -0.02 -50.39 -14.15
C PRO A 307 0.86 -50.87 -15.29
N GLY A 308 2.12 -50.44 -15.27
CA GLY A 308 3.05 -50.76 -16.33
C GLY A 308 2.96 -49.84 -17.53
N GLY A 309 2.06 -48.85 -17.50
CA GLY A 309 1.94 -47.89 -18.59
C GLY A 309 3.06 -46.85 -18.51
N THR A 310 2.95 -45.84 -19.37
CA THR A 310 3.99 -44.83 -19.51
C THR A 310 3.39 -43.44 -19.35
N ILE A 311 4.01 -42.62 -18.51
CA ILE A 311 3.72 -41.20 -18.43
C ILE A 311 4.76 -40.43 -19.24
N VAL A 312 4.29 -39.60 -20.15
CA VAL A 312 5.15 -38.71 -20.93
C VAL A 312 4.92 -37.30 -20.38
N ILE A 313 5.96 -36.67 -19.85
CA ILE A 313 5.81 -35.33 -19.27
C ILE A 313 6.70 -34.35 -20.01
N ALA A 314 6.18 -33.15 -20.24
CA ALA A 314 6.95 -32.05 -20.79
C ALA A 314 7.05 -30.97 -19.74
N ALA A 315 8.26 -30.49 -19.47
CA ALA A 315 8.45 -29.45 -18.46
C ALA A 315 9.69 -28.64 -18.80
N ALA A 316 9.60 -27.33 -18.67
CA ALA A 316 10.70 -26.46 -19.14
C ALA A 316 11.96 -26.60 -18.27
N LEU A 317 11.80 -26.78 -16.95
CA LEU A 317 12.92 -26.92 -16.01
C LEU A 317 13.94 -25.80 -16.15
N ALA A 318 13.46 -24.56 -16.27
CA ALA A 318 14.38 -23.44 -16.54
C ALA A 318 15.43 -23.26 -15.43
N GLU A 319 15.14 -23.69 -14.22
CA GLU A 319 16.07 -23.52 -13.11
C GLU A 319 16.83 -24.82 -12.78
N GLY A 320 16.61 -25.87 -13.55
CA GLY A 320 17.36 -27.11 -13.40
C GLY A 320 16.71 -28.16 -12.51
N LEU A 321 17.52 -28.87 -11.74
CA LEU A 321 17.02 -30.01 -10.98
C LEU A 321 16.38 -29.61 -9.65
N GLY A 322 16.89 -28.60 -8.99
CA GLY A 322 16.41 -28.28 -7.66
C GLY A 322 17.55 -28.01 -6.71
N SER A 323 17.27 -28.14 -5.42
CA SER A 323 18.21 -27.70 -4.39
C SER A 323 19.47 -28.58 -4.35
N PRO A 324 20.57 -28.07 -3.81
CA PRO A 324 21.75 -28.93 -3.65
C PRO A 324 21.47 -30.20 -2.86
N GLU A 325 20.65 -30.12 -1.79
CA GLU A 325 20.34 -31.30 -1.00
C GLU A 325 19.57 -32.33 -1.83
N PHE A 326 18.57 -31.86 -2.58
CA PHE A 326 17.83 -32.76 -3.47
C PHE A 326 18.77 -33.41 -4.47
N GLN A 327 19.64 -32.62 -5.11
CA GLN A 327 20.55 -33.19 -6.11
C GLN A 327 21.49 -34.22 -5.49
N SER A 328 21.94 -33.97 -4.26
CA SER A 328 22.87 -34.91 -3.62
C SER A 328 22.24 -36.29 -3.41
N LEU A 329 20.91 -36.38 -3.32
CA LEU A 329 20.28 -37.67 -3.08
C LEU A 329 20.42 -38.61 -4.28
N PHE A 330 20.48 -38.05 -5.49
CA PHE A 330 20.66 -38.87 -6.69
C PHE A 330 22.07 -39.46 -6.74
N GLU A 331 23.07 -38.74 -6.21
CA GLU A 331 24.42 -39.28 -6.10
C GLU A 331 24.52 -40.29 -4.97
N GLU A 332 23.86 -40.02 -3.85
CA GLU A 332 23.94 -40.91 -2.69
C GLU A 332 23.19 -42.21 -2.92
N HIS A 333 22.11 -42.19 -3.72
CA HIS A 333 21.26 -43.35 -3.95
C HIS A 333 21.03 -43.54 -5.45
N PRO A 334 21.88 -44.33 -6.11
CA PRO A 334 21.71 -44.52 -7.57
C PRO A 334 20.44 -45.28 -7.95
N THR A 335 19.81 -46.00 -7.03
CA THR A 335 18.51 -46.62 -7.29
C THR A 335 17.46 -46.10 -6.32
N LEU A 336 16.21 -46.07 -6.77
CA LEU A 336 15.10 -45.69 -5.90
C LEU A 336 14.87 -46.74 -4.82
N GLU A 337 15.13 -48.01 -5.14
CA GLU A 337 14.99 -49.08 -4.16
C GLU A 337 15.95 -48.91 -2.99
N GLY A 338 17.19 -48.51 -3.25
CA GLY A 338 18.13 -48.29 -2.16
C GLY A 338 17.78 -47.07 -1.35
N PHE A 339 17.33 -46.01 -2.02
CA PHE A 339 16.81 -44.84 -1.32
C PHE A 339 15.68 -45.21 -0.40
N MET A 340 14.78 -46.08 -0.85
CA MET A 340 13.61 -46.37 -0.03
C MET A 340 14.02 -47.24 1.15
N GLU A 341 14.98 -48.14 0.93
CA GLU A 341 15.56 -48.90 2.04
C GLU A 341 16.12 -47.97 3.11
N ALA A 342 16.84 -46.92 2.68
CA ALA A 342 17.46 -46.00 3.63
C ALA A 342 16.43 -45.29 4.49
N ILE A 343 15.34 -44.78 3.88
CA ILE A 343 14.46 -43.93 4.67
C ILE A 343 13.34 -44.72 5.34
N LEU A 344 13.04 -45.95 4.88
CA LEU A 344 11.95 -46.69 5.50
C LEU A 344 12.39 -47.42 6.77
N LYS A 345 13.66 -47.80 6.87
CA LYS A 345 14.07 -48.70 7.95
C LYS A 345 14.72 -47.97 9.12
N GLU A 346 14.95 -46.66 9.01
CA GLU A 346 15.56 -45.87 10.06
C GLU A 346 15.05 -44.44 9.94
N GLU A 347 15.22 -43.68 11.03
CA GLU A 347 14.85 -42.26 11.02
C GLU A 347 15.93 -41.46 10.28
N SER A 348 15.84 -41.46 8.96
CA SER A 348 16.83 -40.81 8.11
C SER A 348 16.14 -39.66 7.39
N PHE A 349 16.65 -38.43 7.58
CA PHE A 349 15.99 -37.21 7.12
C PHE A 349 16.97 -36.30 6.39
N THR A 350 16.76 -36.14 5.09
CA THR A 350 17.49 -35.19 4.26
C THR A 350 16.51 -34.19 3.67
N VAL A 351 16.89 -32.91 3.66
CA VAL A 351 16.07 -31.87 3.03
C VAL A 351 15.69 -32.30 1.62
N ASP A 352 14.40 -32.17 1.31
CA ASP A 352 13.81 -32.39 -0.02
C ASP A 352 13.68 -33.88 -0.41
N GLN A 353 13.94 -34.82 0.50
CA GLN A 353 13.87 -36.24 0.12
C GLN A 353 12.44 -36.68 -0.20
N TRP A 354 11.44 -35.96 0.31
CA TRP A 354 10.06 -36.34 0.08
C TRP A 354 9.69 -36.35 -1.41
N GLN A 355 10.30 -35.49 -2.24
CA GLN A 355 9.93 -35.56 -3.66
C GLN A 355 10.57 -36.75 -4.34
N LEU A 356 11.72 -37.22 -3.83
CA LEU A 356 12.27 -38.49 -4.32
C LEU A 356 11.38 -39.65 -3.89
N GLU A 357 10.77 -39.55 -2.70
CA GLU A 357 9.81 -40.57 -2.27
C GLU A 357 8.58 -40.57 -3.18
N GLU A 358 8.11 -39.38 -3.59
CA GLU A 358 6.99 -39.34 -4.51
C GLU A 358 7.36 -39.90 -5.89
N LEU A 359 8.58 -39.62 -6.35
CA LEU A 359 9.02 -40.22 -7.61
C LEU A 359 9.09 -41.74 -7.50
N ALA A 360 9.49 -42.26 -6.34
CA ALA A 360 9.49 -43.70 -6.14
C ALA A 360 8.08 -44.27 -6.26
N LYS A 361 7.11 -43.56 -5.68
CA LYS A 361 5.71 -43.96 -5.81
C LYS A 361 5.28 -44.04 -7.27
N VAL A 362 5.69 -43.05 -8.07
CA VAL A 362 5.39 -43.06 -9.51
C VAL A 362 6.00 -44.28 -10.19
N ARG A 363 7.29 -44.53 -9.95
CA ARG A 363 7.94 -45.58 -10.73
C ARG A 363 7.56 -46.99 -10.29
N ARG A 364 6.92 -47.17 -9.12
CA ARG A 364 6.36 -48.47 -8.82
C ARG A 364 5.18 -48.81 -9.72
N LYS A 365 4.57 -47.81 -10.35
CA LYS A 365 3.39 -48.03 -11.18
C LYS A 365 3.65 -47.83 -12.67
N ALA A 366 4.55 -46.91 -13.03
CA ALA A 366 4.64 -46.51 -14.43
C ALA A 366 6.07 -46.17 -14.82
N ARG A 367 6.36 -46.35 -16.11
CA ARG A 367 7.55 -45.83 -16.75
C ARG A 367 7.36 -44.33 -17.03
N VAL A 368 8.45 -43.59 -17.10
CA VAL A 368 8.35 -42.15 -17.36
C VAL A 368 9.27 -41.79 -18.52
N LYS A 369 8.71 -41.09 -19.51
CA LYS A 369 9.50 -40.43 -20.54
C LYS A 369 9.42 -38.92 -20.27
N PHE A 370 10.57 -38.24 -20.28
CA PHE A 370 10.69 -36.85 -19.87
CA PHE A 370 10.68 -36.84 -19.87
C PHE A 370 11.22 -36.01 -21.03
N VAL A 371 10.47 -34.98 -21.42
CA VAL A 371 10.83 -34.09 -22.52
C VAL A 371 11.13 -32.73 -21.92
N SER A 372 12.35 -32.24 -22.08
CA SER A 372 12.71 -30.93 -21.56
C SER A 372 13.96 -30.43 -22.28
N ASP A 373 14.03 -29.12 -22.51
CA ASP A 373 15.30 -28.52 -22.93
C ASP A 373 15.97 -27.73 -21.83
N GLY A 374 15.58 -27.96 -20.57
CA GLY A 374 16.15 -27.20 -19.47
C GLY A 374 17.25 -27.90 -18.71
N VAL A 375 17.30 -29.22 -18.84
CA VAL A 375 18.31 -30.12 -18.27
C VAL A 375 18.82 -31.04 -19.38
N PRO A 376 20.13 -31.26 -19.51
CA PRO A 376 20.62 -32.17 -20.57
C PRO A 376 20.10 -33.58 -20.36
N ALA A 377 19.96 -34.32 -21.48
CA ALA A 377 19.49 -35.70 -21.39
C ALA A 377 20.39 -36.54 -20.47
N ALA A 378 21.69 -36.28 -20.49
CA ALA A 378 22.61 -37.06 -19.67
C ALA A 378 22.27 -36.94 -18.18
N VAL A 379 21.89 -35.74 -17.75
CA VAL A 379 21.52 -35.51 -16.36
C VAL A 379 20.18 -36.18 -16.05
N LEU A 380 19.19 -36.00 -16.93
CA LEU A 380 17.87 -36.57 -16.65
C LEU A 380 17.91 -38.08 -16.59
N SER A 381 18.82 -38.71 -17.33
CA SER A 381 18.87 -40.17 -17.34
C SER A 381 19.32 -40.74 -16.01
N ARG A 382 19.96 -39.93 -15.16
CA ARG A 382 20.33 -40.34 -13.82
C ARG A 382 19.29 -39.93 -12.78
N CYS A 383 18.13 -39.45 -13.22
CA CYS A 383 17.03 -39.07 -12.34
C CYS A 383 15.85 -40.04 -12.44
N HIS A 384 16.09 -41.27 -12.91
CA HIS A 384 15.09 -42.34 -12.89
C HIS A 384 13.92 -42.07 -13.81
N VAL A 385 14.20 -41.30 -14.87
CA VAL A 385 13.25 -41.07 -15.96
C VAL A 385 14.03 -41.28 -17.26
N GLU A 386 13.30 -41.50 -18.35
CA GLU A 386 13.94 -41.68 -19.65
C GLU A 386 13.82 -40.38 -20.44
N PRO A 387 14.92 -39.68 -20.73
CA PRO A 387 14.81 -38.47 -21.58
C PRO A 387 14.49 -38.84 -23.03
N VAL A 388 13.55 -38.11 -23.62
CA VAL A 388 13.21 -38.30 -25.02
C VAL A 388 13.15 -36.94 -25.66
N ALA A 389 13.59 -36.85 -26.92
CA ALA A 389 13.83 -35.54 -27.53
C ALA A 389 12.53 -34.75 -27.72
N THR A 390 11.42 -35.41 -28.04
CA THR A 390 10.17 -34.70 -28.28
C THR A 390 9.01 -35.53 -27.72
N VAL A 391 7.91 -34.85 -27.40
CA VAL A 391 6.71 -35.55 -26.94
C VAL A 391 6.16 -36.47 -28.04
N GLU A 392 6.15 -35.99 -29.29
CA GLU A 392 5.64 -36.82 -30.37
C GLU A 392 6.47 -38.10 -30.52
N LEU A 393 7.80 -38.01 -30.39
CA LEU A 393 8.61 -39.21 -30.44
C LEU A 393 8.33 -40.11 -29.25
N ALA A 394 8.22 -39.54 -28.05
CA ALA A 394 7.96 -40.33 -26.86
C ALA A 394 6.65 -41.11 -26.96
N VAL A 395 5.59 -40.47 -27.48
CA VAL A 395 4.30 -41.15 -27.66
C VAL A 395 4.42 -42.28 -28.70
N ALA A 396 5.07 -42.01 -29.84
CA ALA A 396 5.28 -43.05 -30.84
C ALA A 396 6.04 -44.24 -30.26
N GLN A 397 7.07 -43.98 -29.45
CA GLN A 397 7.83 -45.06 -28.81
C GLN A 397 6.93 -45.88 -27.88
N ALA A 398 6.15 -45.18 -27.03
CA ALA A 398 5.30 -45.88 -26.08
C ALA A 398 4.22 -46.68 -26.79
N LEU A 399 3.62 -46.10 -27.84
CA LEU A 399 2.59 -46.81 -28.58
C LEU A 399 3.14 -48.07 -29.26
N GLU A 400 4.42 -48.06 -29.62
CA GLU A 400 5.05 -49.25 -30.18
C GLU A 400 5.06 -50.41 -29.18
N GLN A 401 5.41 -50.15 -27.91
CA GLN A 401 5.50 -51.30 -27.01
C GLN A 401 4.14 -51.76 -26.51
N TYR A 402 3.12 -50.90 -26.52
CA TYR A 402 1.82 -51.29 -25.98
C TYR A 402 0.86 -51.84 -27.02
N GLY A 403 1.11 -51.62 -28.31
CA GLY A 403 0.34 -52.26 -29.36
C GLY A 403 -0.80 -51.44 -29.92
N PRO A 404 -1.59 -52.06 -30.80
CA PRO A 404 -2.58 -51.29 -31.59
C PRO A 404 -3.82 -50.87 -30.82
N GLU A 405 -4.11 -51.47 -29.67
CA GLU A 405 -5.28 -51.08 -28.91
C GLU A 405 -4.96 -50.00 -27.87
N ALA A 406 -3.71 -49.59 -27.76
CA ALA A 406 -3.31 -48.64 -26.73
C ALA A 406 -3.89 -47.26 -27.03
N ARG A 407 -4.28 -46.56 -25.97
CA ARG A 407 -4.84 -45.22 -26.10
C ARG A 407 -3.96 -44.22 -25.36
N VAL A 408 -4.14 -42.95 -25.72
CA VAL A 408 -3.38 -41.83 -25.17
C VAL A 408 -4.35 -40.88 -24.49
N ALA A 409 -4.05 -40.50 -23.25
CA ALA A 409 -4.75 -39.39 -22.61
C ALA A 409 -3.78 -38.23 -22.49
N VAL A 410 -4.30 -37.00 -22.56
CA VAL A 410 -3.44 -35.82 -22.48
C VAL A 410 -4.04 -34.83 -21.50
N ILE A 411 -3.18 -34.27 -20.65
CA ILE A 411 -3.57 -33.35 -19.58
C ILE A 411 -2.75 -32.07 -19.75
N PRO A 412 -3.22 -31.13 -20.56
CA PRO A 412 -2.38 -29.96 -20.88
C PRO A 412 -1.94 -29.15 -19.67
N LYS A 413 -2.76 -29.04 -18.62
CA LYS A 413 -2.43 -28.23 -17.46
C LYS A 413 -1.84 -29.08 -16.32
N GLY A 414 -1.56 -30.36 -16.56
CA GLY A 414 -0.82 -31.18 -15.64
C GLY A 414 -1.43 -31.23 -14.24
N PRO A 415 -0.64 -30.94 -13.20
CA PRO A 415 -1.12 -31.15 -11.83
C PRO A 415 -2.20 -30.18 -11.37
N TYR A 416 -2.60 -29.21 -12.18
CA TYR A 416 -3.74 -28.38 -11.81
C TYR A 416 -5.07 -28.98 -12.24
N VAL A 417 -5.04 -30.18 -12.80
CA VAL A 417 -6.20 -31.01 -13.12
C VAL A 417 -6.15 -32.20 -12.19
N LEU A 418 -7.33 -32.74 -11.83
CA LEU A 418 -7.40 -33.95 -11.01
C LEU A 418 -8.02 -35.04 -11.87
N PRO A 419 -7.23 -35.83 -12.59
CA PRO A 419 -7.81 -36.84 -13.48
C PRO A 419 -8.32 -38.03 -12.70
N VAL A 420 -9.48 -38.56 -13.11
CA VAL A 420 -10.11 -39.66 -12.40
C VAL A 420 -10.66 -40.68 -13.41
N VAL A 421 -10.81 -41.92 -12.94
CA VAL A 421 -11.44 -42.96 -13.77
C VAL A 421 -12.90 -43.06 -13.37
N ASP A 422 -13.79 -42.86 -14.33
CA ASP A 422 -15.23 -43.03 -14.11
C ASP A 422 -15.75 -44.12 -15.04
N PRO A 423 -15.92 -45.35 -14.52
CA PRO A 423 -16.40 -46.44 -15.40
C PRO A 423 -17.78 -46.19 -15.96
N THR A 424 -18.65 -45.47 -15.24
CA THR A 424 -19.98 -45.17 -15.73
C THR A 424 -19.97 -44.40 -17.05
N LEU A 425 -18.85 -43.78 -17.41
CA LEU A 425 -18.76 -43.12 -18.71
C LEU A 425 -18.72 -44.17 -19.82
N ARG B 1 3.15 31.07 32.67
CA ARG B 1 2.30 32.11 32.06
C ARG B 1 2.69 32.38 30.59
N VAL B 2 1.80 32.03 29.66
CA VAL B 2 2.08 32.19 28.24
C VAL B 2 0.78 32.61 27.54
N THR B 3 0.92 33.36 26.46
CA THR B 3 -0.22 33.75 25.63
C THR B 3 -0.24 32.86 24.39
N LEU B 4 -1.28 32.02 24.27
CA LEU B 4 -1.51 31.27 23.03
C LEU B 4 -2.22 32.13 22.00
N ASP B 5 -1.90 31.92 20.71
CA ASP B 5 -2.65 32.53 19.63
C ASP B 5 -4.09 32.01 19.69
N TYR B 6 -5.08 32.90 19.56
CA TYR B 6 -6.47 32.50 19.77
C TYR B 6 -7.41 33.58 19.22
N GLY B 7 -8.07 33.31 18.09
CA GLY B 7 -8.89 34.33 17.45
C GLY B 7 -8.14 35.64 17.30
N LYS B 8 -8.83 36.74 17.61
CA LYS B 8 -8.21 38.05 17.53
C LYS B 8 -7.63 38.52 18.85
N THR B 9 -7.71 37.71 19.91
CA THR B 9 -7.37 38.15 21.25
C THR B 9 -6.12 37.51 21.83
N GLY B 10 -5.76 36.31 21.41
CA GLY B 10 -4.90 35.47 22.21
C GLY B 10 -5.64 34.89 23.41
N LEU B 11 -4.92 34.04 24.15
CA LEU B 11 -5.51 33.34 25.29
C LEU B 11 -4.42 33.17 26.34
N ASN B 12 -4.66 33.68 27.54
CA ASN B 12 -3.64 33.70 28.59
C ASN B 12 -3.74 32.44 29.42
N VAL B 13 -2.68 31.62 29.40
CA VAL B 13 -2.65 30.32 30.05
C VAL B 13 -1.50 30.31 31.07
N ASP B 14 -1.74 29.68 32.23
CA ASP B 14 -0.66 29.41 33.18
C ASP B 14 -0.36 27.92 33.20
N LEU B 15 0.88 27.57 32.84
CA LEU B 15 1.33 26.18 32.77
C LEU B 15 2.25 25.85 33.94
N PRO B 16 2.30 24.59 34.37
CA PRO B 16 3.05 24.27 35.59
C PRO B 16 4.55 24.54 35.43
N ASP B 17 5.11 25.27 36.39
CA ASP B 17 6.49 25.74 36.26
C ASP B 17 7.49 24.58 36.29
N ASP B 18 7.20 23.54 37.07
CA ASP B 18 8.17 22.46 37.24
C ASP B 18 8.18 21.46 36.08
N ARG B 19 7.24 21.55 35.14
CA ARG B 19 7.14 20.51 34.13
C ARG B 19 7.14 21.04 32.69
N THR B 20 7.21 22.36 32.50
CA THR B 20 7.04 22.98 31.19
C THR B 20 8.38 23.46 30.63
N LEU B 21 8.67 23.07 29.39
CA LEU B 21 9.86 23.52 28.68
C LEU B 21 9.71 24.97 28.22
N PRO B 22 10.82 25.65 27.91
CA PRO B 22 10.72 27.02 27.37
C PRO B 22 9.89 27.03 26.09
N PRO B 23 9.03 28.04 25.91
CA PRO B 23 8.11 28.04 24.77
C PRO B 23 8.84 27.94 23.43
N LEU B 24 8.22 27.23 22.51
CA LEU B 24 8.75 27.00 21.18
C LEU B 24 8.31 28.17 20.30
N THR B 25 9.25 29.05 19.94
CA THR B 25 8.92 30.22 19.14
C THR B 25 9.87 30.33 17.97
N ILE B 26 9.46 31.07 16.95
CA ILE B 26 10.36 31.21 15.82
C ILE B 26 11.47 32.18 16.20
N ARG B 27 12.59 32.08 15.50
CA ARG B 27 13.76 32.85 15.88
C ARG B 27 13.51 34.34 15.60
N PRO B 28 13.96 35.22 16.49
CA PRO B 28 13.66 36.66 16.33
C PRO B 28 14.46 37.37 15.23
N ALA B 29 14.03 37.23 13.98
CA ALA B 29 14.68 37.91 12.86
C ALA B 29 14.20 39.35 12.78
N PRO B 30 15.03 40.26 12.26
CA PRO B 30 14.64 41.68 12.22
C PRO B 30 13.53 41.91 11.22
N PRO B 31 12.42 42.52 11.63
CA PRO B 31 11.40 42.91 10.66
C PRO B 31 11.95 43.97 9.72
N LEU B 32 11.40 43.99 8.52
CA LEU B 32 11.75 45.06 7.59
C LEU B 32 11.08 46.36 8.06
N ASP B 33 11.87 47.43 8.10
CA ASP B 33 11.37 48.72 8.54
C ASP B 33 10.23 49.22 7.66
N ASP B 34 10.39 49.10 6.34
CA ASP B 34 9.44 49.63 5.38
C ASP B 34 9.25 48.55 4.31
N PRO B 35 8.35 47.58 4.57
CA PRO B 35 8.24 46.47 3.63
C PRO B 35 7.73 46.88 2.27
N GLU B 36 6.86 47.88 2.18
CA GLU B 36 6.38 48.31 0.87
C GLU B 36 7.52 48.88 0.03
N ALA B 37 8.40 49.69 0.64
CA ALA B 37 9.59 50.14 -0.06
C ALA B 37 10.48 48.98 -0.46
N GLU B 38 10.55 47.92 0.35
CA GLU B 38 11.34 46.76 -0.04
C GLU B 38 10.73 46.05 -1.23
N VAL B 39 9.40 45.93 -1.27
CA VAL B 39 8.75 45.33 -2.44
C VAL B 39 9.09 46.13 -3.69
N VAL B 40 9.04 47.46 -3.59
CA VAL B 40 9.41 48.31 -4.73
C VAL B 40 10.81 47.98 -5.20
N ARG B 41 11.76 47.84 -4.25
CA ARG B 41 13.14 47.52 -4.64
C ARG B 41 13.23 46.16 -5.27
N CYS B 42 12.46 45.19 -4.77
CA CYS B 42 12.55 43.83 -5.30
C CYS B 42 11.88 43.69 -6.66
N LEU B 43 10.85 44.50 -6.94
CA LEU B 43 10.26 44.49 -8.28
C LEU B 43 11.24 44.97 -9.33
N ALA B 44 12.18 45.85 -8.94
CA ALA B 44 13.17 46.40 -9.85
C ALA B 44 14.42 45.56 -9.97
N GLU B 45 14.73 44.72 -8.97
CA GLU B 45 15.89 43.82 -9.05
C GLU B 45 15.47 42.50 -8.43
N PRO B 46 14.75 41.67 -9.18
CA PRO B 46 14.19 40.43 -8.63
C PRO B 46 15.17 39.26 -8.70
N ILE B 47 14.71 38.11 -8.23
CA ILE B 47 15.48 36.88 -8.20
C ILE B 47 15.17 36.07 -9.45
N GLY B 48 16.19 35.82 -10.27
CA GLY B 48 16.05 34.89 -11.39
C GLY B 48 15.06 35.35 -12.44
N SER B 49 14.90 36.66 -12.60
CA SER B 49 13.85 37.18 -13.46
C SER B 49 14.24 38.58 -13.92
N PRO B 50 13.78 39.02 -15.09
CA PRO B 50 13.85 40.44 -15.41
C PRO B 50 13.00 41.24 -14.44
N PRO B 51 13.24 42.54 -14.31
CA PRO B 51 12.33 43.40 -13.55
C PRO B 51 10.90 43.23 -14.01
N LEU B 52 9.96 43.34 -13.06
CA LEU B 52 8.55 43.21 -13.41
C LEU B 52 8.14 44.21 -14.48
N LEU B 53 8.63 45.45 -14.39
CA LEU B 53 8.37 46.44 -15.44
C LEU B 53 8.76 45.89 -16.80
N ASP B 54 9.95 45.29 -16.90
CA ASP B 54 10.42 44.78 -18.18
C ASP B 54 9.54 43.64 -18.70
N LEU B 55 9.11 42.74 -17.80
CA LEU B 55 8.20 41.67 -18.21
C LEU B 55 6.85 42.17 -18.66
N ALA B 56 6.40 43.30 -18.13
CA ALA B 56 5.07 43.78 -18.46
C ALA B 56 5.03 44.56 -19.78
N ARG B 57 6.19 44.81 -20.41
CA ARG B 57 6.20 45.51 -21.70
C ARG B 57 5.61 44.62 -22.79
N GLY B 58 4.71 45.17 -23.58
CA GLY B 58 4.10 44.42 -24.67
C GLY B 58 3.00 43.48 -24.25
N LYS B 59 2.62 43.48 -22.97
CA LYS B 59 1.52 42.65 -22.46
C LYS B 59 0.23 43.47 -22.47
N ARG B 60 -0.87 42.81 -22.84
CA ARG B 60 -2.16 43.49 -22.96
C ARG B 60 -3.12 43.18 -21.81
N SER B 61 -2.84 42.19 -20.97
CA SER B 61 -3.73 41.80 -19.90
C SER B 61 -2.92 41.17 -18.79
N ALA B 62 -3.43 41.27 -17.56
CA ALA B 62 -2.72 40.72 -16.41
C ALA B 62 -3.68 40.02 -15.46
N CYS B 63 -3.24 38.91 -14.89
CA CYS B 63 -3.96 38.26 -13.80
C CYS B 63 -3.03 38.11 -12.61
N ILE B 64 -3.48 38.59 -11.46
CA ILE B 64 -2.73 38.55 -10.21
C ILE B 64 -3.46 37.66 -9.22
N LEU B 65 -2.78 36.61 -8.75
CA LEU B 65 -3.38 35.71 -7.77
C LEU B 65 -3.09 36.22 -6.36
N VAL B 66 -4.13 36.24 -5.51
CA VAL B 66 -3.96 36.57 -4.10
C VAL B 66 -4.61 35.49 -3.25
N CYS B 67 -4.12 35.38 -2.02
CA CYS B 67 -4.68 34.42 -1.08
C CYS B 67 -6.02 34.87 -0.54
N ASP B 68 -6.82 33.90 -0.06
CA ASP B 68 -8.12 34.21 0.53
C ASP B 68 -7.94 34.57 2.01
N ILE B 69 -9.05 34.67 2.74
CA ILE B 69 -9.03 35.22 4.10
C ILE B 69 -8.19 34.36 5.03
N THR B 70 -7.97 33.09 4.70
CA THR B 70 -7.34 32.21 5.70
C THR B 70 -5.84 32.42 5.79
N ARG B 71 -5.25 33.22 4.91
CA ARG B 71 -3.84 33.56 4.96
C ARG B 71 -3.67 35.03 5.28
N PRO B 72 -3.03 35.37 6.38
CA PRO B 72 -2.87 36.78 6.78
C PRO B 72 -1.85 37.56 5.95
N VAL B 73 -1.95 37.46 4.63
CA VAL B 73 -1.06 38.21 3.75
C VAL B 73 -1.40 39.69 3.86
N PRO B 74 -0.44 40.56 4.12
CA PRO B 74 -0.73 42.01 4.03
C PRO B 74 -0.72 42.44 2.57
N ASN B 75 -1.74 42.01 1.84
CA ASN B 75 -1.77 42.20 0.39
C ASN B 75 -1.55 43.62 -0.09
N PRO B 76 -2.07 44.68 0.56
CA PRO B 76 -1.85 46.04 0.03
C PRO B 76 -0.38 46.42 -0.05
N VAL B 77 0.46 45.92 0.88
CA VAL B 77 1.89 46.16 0.84
C VAL B 77 2.51 45.59 -0.43
N LEU B 78 1.98 44.47 -0.91
CA LEU B 78 2.47 43.84 -2.13
C LEU B 78 1.83 44.43 -3.38
N LEU B 79 0.53 44.74 -3.33
CA LEU B 79 -0.23 45.03 -4.53
C LEU B 79 -0.04 46.46 -5.01
N ARG B 80 0.04 47.43 -4.10
CA ARG B 80 0.25 48.81 -4.54
C ARG B 80 1.51 48.96 -5.40
N PRO B 81 2.68 48.43 -5.01
CA PRO B 81 3.82 48.46 -5.94
C PRO B 81 3.59 47.68 -7.22
N ILE B 82 2.92 46.53 -7.15
CA ILE B 82 2.66 45.74 -8.37
C ILE B 82 1.75 46.51 -9.30
N LEU B 83 0.67 47.08 -8.76
CA LEU B 83 -0.30 47.75 -9.61
C LEU B 83 0.28 49.02 -10.21
N ARG B 84 1.09 49.76 -9.45
CA ARG B 84 1.75 50.93 -10.01
C ARG B 84 2.71 50.54 -11.13
N THR B 85 3.41 49.42 -10.98
CA THR B 85 4.27 48.94 -12.05
C THR B 85 3.46 48.60 -13.30
N LEU B 86 2.28 48.00 -13.13
CA LEU B 86 1.48 47.59 -14.29
C LEU B 86 0.96 48.81 -15.05
N HIS B 87 0.43 49.80 -14.33
CA HIS B 87 -0.03 51.01 -15.02
C HIS B 87 1.10 51.73 -15.73
N ALA B 88 2.31 51.68 -15.18
CA ALA B 88 3.43 52.33 -15.87
C ALA B 88 3.78 51.63 -17.17
N ALA B 89 3.48 50.33 -17.29
CA ALA B 89 3.71 49.59 -18.53
C ALA B 89 2.60 49.81 -19.56
N GLY B 90 1.55 50.54 -19.20
CA GLY B 90 0.47 50.82 -20.12
C GLY B 90 -0.77 49.99 -19.93
N LEU B 91 -0.82 49.12 -18.93
CA LEU B 91 -2.02 48.33 -18.70
C LEU B 91 -3.09 49.19 -18.04
N ALA B 92 -4.27 49.19 -18.64
CA ALA B 92 -5.41 49.88 -18.07
C ALA B 92 -5.97 49.07 -16.90
N THR B 93 -6.75 49.75 -16.06
CA THR B 93 -7.42 49.08 -14.96
C THR B 93 -8.25 47.90 -15.43
N GLN B 94 -8.97 48.05 -16.53
CA GLN B 94 -9.83 46.98 -17.04
C GLN B 94 -9.04 45.82 -17.62
N ASP B 95 -7.75 45.98 -17.86
CA ASP B 95 -6.91 44.89 -18.32
C ASP B 95 -6.35 44.06 -17.17
N ILE B 96 -6.70 44.40 -15.93
CA ILE B 96 -6.10 43.78 -14.74
C ILE B 96 -7.21 43.08 -13.95
N LEU B 97 -7.01 41.79 -13.67
CA LEU B 97 -7.89 41.02 -12.80
C LEU B 97 -7.15 40.57 -11.56
N ILE B 98 -7.74 40.83 -10.39
CA ILE B 98 -7.25 40.25 -9.13
C ILE B 98 -8.11 39.02 -8.87
N LEU B 99 -7.50 37.84 -8.87
CA LEU B 99 -8.20 36.58 -8.72
C LEU B 99 -7.89 35.97 -7.35
N VAL B 100 -8.91 35.83 -6.51
CA VAL B 100 -8.75 35.25 -5.17
C VAL B 100 -8.58 33.74 -5.32
N ALA B 101 -7.41 33.22 -4.94
CA ALA B 101 -7.07 31.81 -5.14
C ALA B 101 -7.58 30.99 -3.96
N THR B 102 -8.90 30.73 -3.98
CA THR B 102 -9.59 30.04 -2.91
C THR B 102 -9.23 28.56 -2.80
N GLY B 103 -8.64 27.98 -3.82
CA GLY B 103 -8.56 26.53 -3.86
C GLY B 103 -9.96 25.97 -3.94
N LEU B 104 -10.33 25.12 -2.98
CA LEU B 104 -11.69 24.64 -2.85
C LEU B 104 -12.45 25.29 -1.70
N HIS B 105 -11.87 26.32 -1.07
CA HIS B 105 -12.59 27.04 -0.02
C HIS B 105 -13.79 27.79 -0.59
N ARG B 106 -14.69 28.23 0.30
CA ARG B 106 -15.79 29.10 -0.10
C ARG B 106 -15.24 30.41 -0.65
N PRO B 107 -16.02 31.12 -1.48
CA PRO B 107 -15.56 32.42 -1.96
C PRO B 107 -15.46 33.44 -0.83
N SER B 108 -14.60 34.41 -1.04
CA SER B 108 -14.47 35.50 -0.08
C SER B 108 -15.71 36.39 -0.14
N THR B 109 -16.11 36.91 1.00
CA THR B 109 -17.18 37.88 1.07
C THR B 109 -16.69 39.27 0.66
N PRO B 110 -17.59 40.19 0.35
CA PRO B 110 -17.16 41.58 0.07
C PRO B 110 -16.41 42.21 1.24
N ALA B 111 -16.90 42.01 2.47
CA ALA B 111 -16.19 42.53 3.63
C ALA B 111 -14.81 41.89 3.78
N GLU B 112 -14.69 40.60 3.46
CA GLU B 112 -13.36 39.98 3.48
C GLU B 112 -12.45 40.58 2.42
N LYS B 113 -12.97 40.85 1.23
CA LYS B 113 -12.15 41.46 0.18
C LYS B 113 -11.56 42.78 0.65
N VAL B 114 -12.32 43.56 1.42
CA VAL B 114 -11.81 44.83 1.92
C VAL B 114 -10.72 44.58 2.97
N GLU B 115 -11.00 43.72 3.96
CA GLU B 115 -9.99 43.34 4.96
C GLU B 115 -8.73 42.80 4.30
N MET B 116 -8.89 42.07 3.21
CA MET B 116 -7.83 41.40 2.47
C MET B 116 -7.01 42.38 1.63
N LEU B 117 -7.70 43.27 0.91
CA LEU B 117 -7.06 44.00 -0.17
C LEU B 117 -6.98 45.51 0.03
N SER B 118 -7.59 46.04 1.10
CA SER B 118 -7.82 47.46 1.37
C SER B 118 -9.04 47.95 0.59
N GLU B 119 -9.75 48.93 1.16
CA GLU B 119 -10.95 49.45 0.51
C GLU B 119 -10.62 50.08 -0.84
N GLU B 120 -9.54 50.87 -0.91
CA GLU B 120 -9.20 51.56 -2.14
C GLU B 120 -8.97 50.59 -3.29
N ILE B 121 -8.35 49.44 -3.01
CA ILE B 121 -8.11 48.46 -4.07
C ILE B 121 -9.37 47.65 -4.34
N ALA B 122 -10.10 47.26 -3.30
CA ALA B 122 -11.31 46.46 -3.52
C ALA B 122 -12.35 47.22 -4.35
N ARG B 123 -12.43 48.55 -4.16
CA ARG B 123 -13.39 49.36 -4.89
C ARG B 123 -12.95 49.71 -6.30
N THR B 124 -11.65 49.70 -6.59
CA THR B 124 -11.13 50.25 -7.83
C THR B 124 -10.88 49.19 -8.90
N TYR B 125 -10.44 47.99 -8.53
CA TYR B 125 -10.06 46.98 -9.49
C TYR B 125 -11.07 45.85 -9.52
N ARG B 126 -11.03 45.08 -10.61
CA ARG B 126 -11.90 43.92 -10.72
C ARG B 126 -11.34 42.79 -9.85
N VAL B 127 -12.15 42.32 -8.91
CA VAL B 127 -11.75 41.29 -7.95
C VAL B 127 -12.78 40.17 -8.01
N GLU B 128 -12.36 38.99 -8.46
CA GLU B 128 -13.23 37.84 -8.65
C GLU B 128 -12.71 36.66 -7.84
N ASP B 129 -13.61 35.73 -7.52
CA ASP B 129 -13.26 34.52 -6.79
C ASP B 129 -13.09 33.32 -7.70
N HIS B 130 -12.25 32.39 -7.27
CA HIS B 130 -12.11 31.09 -7.90
C HIS B 130 -13.20 30.16 -7.36
N TYR B 131 -13.78 29.36 -8.27
CA TYR B 131 -14.87 28.43 -7.93
C TYR B 131 -14.45 27.03 -8.37
N GLY B 132 -13.88 26.27 -7.45
CA GLY B 132 -13.27 25.00 -7.80
C GLY B 132 -14.23 23.94 -8.30
N THR B 133 -15.51 24.02 -7.96
CA THR B 133 -16.44 22.99 -8.39
C THR B 133 -17.10 23.31 -9.73
N ARG B 134 -16.62 24.31 -10.45
CA ARG B 134 -17.15 24.70 -11.75
C ARG B 134 -16.09 24.40 -12.80
N LEU B 135 -16.11 23.18 -13.33
CA LEU B 135 -15.10 22.76 -14.30
C LEU B 135 -15.09 23.66 -15.52
N GLU B 136 -16.25 24.22 -15.89
CA GLU B 136 -16.37 25.01 -17.11
C GLU B 136 -15.49 26.25 -17.07
N GLU B 137 -15.21 26.77 -15.87
CA GLU B 137 -14.39 27.95 -15.70
C GLU B 137 -12.89 27.64 -15.72
N HIS B 138 -12.51 26.41 -16.06
CA HIS B 138 -11.13 25.96 -16.04
C HIS B 138 -10.72 25.48 -17.41
N THR B 139 -9.42 25.50 -17.66
CA THR B 139 -8.83 25.04 -18.92
C THR B 139 -7.97 23.82 -18.66
N TYR B 140 -8.20 22.76 -19.44
CA TYR B 140 -7.40 21.55 -19.35
C TYR B 140 -6.06 21.76 -20.03
N LEU B 141 -4.97 21.57 -19.28
CA LEU B 141 -3.62 21.81 -19.77
C LEU B 141 -2.86 20.53 -20.04
N GLY B 142 -3.47 19.38 -19.81
CA GLY B 142 -2.82 18.11 -19.93
C GLY B 142 -2.88 17.35 -18.62
N THR B 143 -2.26 16.17 -18.64
CA THR B 143 -2.26 15.27 -17.50
C THR B 143 -0.81 14.94 -17.14
N THR B 144 -0.52 14.98 -15.85
CA THR B 144 0.83 14.72 -15.37
C THR B 144 1.16 13.25 -15.48
N PRO B 145 2.45 12.89 -15.49
CA PRO B 145 2.81 11.47 -15.49
C PRO B 145 2.32 10.71 -14.27
N ASN B 146 1.90 11.39 -13.20
CA ASN B 146 1.24 10.71 -12.09
C ASN B 146 -0.25 10.55 -12.31
N GLY B 147 -0.79 11.04 -13.42
CA GLY B 147 -2.19 10.84 -13.74
C GLY B 147 -3.13 11.88 -13.20
N VAL B 148 -2.64 13.04 -12.79
CA VAL B 148 -3.48 14.14 -12.33
C VAL B 148 -3.78 15.05 -13.52
N PRO B 149 -5.05 15.25 -13.88
CA PRO B 149 -5.36 16.22 -14.95
C PRO B 149 -5.26 17.62 -14.39
N ALA B 150 -4.61 18.51 -15.13
CA ALA B 150 -4.41 19.90 -14.71
C ALA B 150 -5.52 20.74 -15.29
N TRP B 151 -6.49 21.13 -14.45
CA TRP B 151 -7.54 22.07 -14.78
C TRP B 151 -7.28 23.35 -13.99
N ILE B 152 -6.98 24.43 -14.70
CA ILE B 152 -6.59 25.70 -14.08
C ILE B 152 -7.53 26.78 -14.57
N ASP B 153 -7.88 27.73 -13.68
CA ASP B 153 -8.84 28.78 -14.00
C ASP B 153 -8.49 29.49 -15.30
N SER B 154 -9.46 29.56 -16.22
CA SER B 154 -9.18 30.07 -17.56
C SER B 154 -8.83 31.55 -17.57
N ARG B 155 -9.33 32.32 -16.59
CA ARG B 155 -8.99 33.75 -16.54
C ARG B 155 -7.51 33.97 -16.31
N TYR B 156 -6.87 33.06 -15.56
CA TYR B 156 -5.43 33.14 -15.38
C TYR B 156 -4.70 32.59 -16.59
N VAL B 157 -5.15 31.45 -17.12
CA VAL B 157 -4.43 30.77 -18.21
C VAL B 157 -4.30 31.68 -19.42
N GLN B 158 -5.36 32.41 -19.74
CA GLN B 158 -5.38 33.21 -20.96
C GLN B 158 -4.76 34.59 -20.78
N ALA B 159 -4.36 34.96 -19.55
CA ALA B 159 -3.82 36.28 -19.33
C ALA B 159 -2.41 36.41 -19.91
N ASP B 160 -2.09 37.57 -20.49
CA ASP B 160 -0.77 37.72 -21.11
C ASP B 160 0.33 37.74 -20.06
N LEU B 161 0.06 38.35 -18.92
CA LEU B 161 1.00 38.45 -17.81
C LEU B 161 0.39 37.76 -16.59
N LYS B 162 1.13 36.80 -16.02
CA LYS B 162 0.64 35.99 -14.90
C LYS B 162 1.49 36.27 -13.66
N ILE B 163 0.85 36.75 -12.59
CA ILE B 163 1.53 37.09 -11.34
C ILE B 163 0.84 36.39 -10.18
N ALA B 164 1.63 35.93 -9.19
CA ALA B 164 1.04 35.39 -7.97
C ALA B 164 1.72 35.98 -6.74
N THR B 165 0.93 36.26 -5.70
CA THR B 165 1.41 36.78 -4.43
C THR B 165 1.08 35.78 -3.34
N GLY B 166 1.88 35.75 -2.29
CA GLY B 166 1.54 34.84 -1.20
C GLY B 166 2.50 34.94 -0.04
N LEU B 167 2.42 33.91 0.81
CA LEU B 167 3.00 33.92 2.14
C LEU B 167 3.61 32.54 2.38
N ILE B 168 4.88 32.51 2.78
CA ILE B 168 5.60 31.26 2.99
C ILE B 168 5.55 30.95 4.48
N GLU B 169 4.80 29.90 4.81
CA GLU B 169 4.66 29.27 6.12
C GLU B 169 4.74 27.76 5.94
N PRO B 170 5.07 27.03 7.01
CA PRO B 170 4.95 25.57 6.94
C PRO B 170 3.54 25.16 6.53
N HIS B 171 3.45 24.03 5.82
CA HIS B 171 2.16 23.48 5.39
C HIS B 171 2.16 21.96 5.56
N LEU B 172 1.06 21.44 6.10
CA LEU B 172 0.96 20.04 6.52
C LEU B 172 0.95 19.05 5.36
N MET B 173 0.66 19.47 4.12
CA MET B 173 0.81 18.57 2.98
C MET B 173 1.93 18.97 2.04
N ALA B 174 2.00 20.25 1.65
CA ALA B 174 2.91 20.71 0.62
C ALA B 174 4.27 21.14 1.15
N GLY B 175 4.55 20.94 2.45
CA GLY B 175 5.81 21.29 3.07
C GLY B 175 5.86 22.75 3.49
N TYR B 176 5.77 23.65 2.50
CA TYR B 176 5.61 25.07 2.73
C TYR B 176 4.56 25.62 1.79
N SER B 177 3.80 26.59 2.28
CA SER B 177 2.89 27.38 1.45
C SER B 177 3.69 28.38 0.60
N GLY B 178 3.03 28.95 -0.40
CA GLY B 178 3.58 30.02 -1.21
C GLY B 178 3.91 29.57 -2.62
N GLY B 179 4.42 30.53 -3.41
CA GLY B 179 4.88 30.20 -4.74
C GLY B 179 3.83 29.51 -5.59
N ARG B 180 4.24 28.37 -6.14
CA ARG B 180 3.41 27.54 -7.01
CA ARG B 180 3.42 27.52 -7.00
C ARG B 180 2.04 27.20 -6.43
N LYS B 181 1.91 27.23 -5.10
CA LYS B 181 0.68 26.75 -4.50
C LYS B 181 -0.50 27.69 -4.77
N LEU B 182 -0.22 28.94 -5.13
CA LEU B 182 -1.26 29.86 -5.61
C LEU B 182 -1.94 29.34 -6.86
N ILE B 183 -1.22 28.62 -7.71
CA ILE B 183 -1.83 28.02 -8.90
C ILE B 183 -2.46 26.67 -8.57
N CYS B 184 -1.68 25.77 -8.00
CA CYS B 184 -2.19 24.46 -7.61
C CYS B 184 -2.07 24.29 -6.10
N PRO B 185 -3.16 24.37 -5.33
CA PRO B 185 -4.56 24.24 -5.71
C PRO B 185 -5.30 25.57 -5.88
N GLY B 186 -4.60 26.68 -5.69
CA GLY B 186 -5.28 27.96 -5.49
C GLY B 186 -6.32 28.27 -6.54
N ILE B 187 -6.06 27.93 -7.80
CA ILE B 187 -7.03 28.19 -8.86
C ILE B 187 -7.24 26.94 -9.69
N ALA B 188 -7.20 25.79 -9.02
CA ALA B 188 -7.34 24.48 -9.66
C ALA B 188 -8.71 23.91 -9.41
N ALA B 189 -9.20 23.13 -10.38
CA ALA B 189 -10.53 22.57 -10.23
C ALA B 189 -10.51 21.36 -9.30
N PHE B 190 -11.68 21.05 -8.74
CA PHE B 190 -11.84 19.83 -7.94
C PHE B 190 -11.37 18.59 -8.69
N GLU B 191 -11.59 18.54 -10.01
CA GLU B 191 -11.14 17.38 -10.78
C GLU B 191 -9.62 17.21 -10.67
N THR B 192 -8.88 18.31 -10.46
CA THR B 192 -7.46 18.22 -10.21
C THR B 192 -7.18 17.95 -8.73
N VAL B 193 -7.81 18.72 -7.83
CA VAL B 193 -7.45 18.71 -6.41
C VAL B 193 -7.84 17.38 -5.73
N LYS B 194 -8.98 16.79 -6.14
CA LYS B 194 -9.41 15.56 -5.48
C LYS B 194 -8.38 14.45 -5.65
N LEU B 195 -7.64 14.46 -6.75
CA LEU B 195 -6.60 13.47 -6.99
C LEU B 195 -5.28 13.89 -6.37
N TRP B 196 -4.94 15.17 -6.46
CA TRP B 196 -3.69 15.64 -5.86
C TRP B 196 -3.76 15.58 -4.33
N HIS B 197 -4.91 15.94 -3.74
CA HIS B 197 -5.07 15.73 -2.30
C HIS B 197 -5.61 14.33 -1.99
N GLY B 198 -5.29 13.33 -2.81
CA GLY B 198 -5.78 11.99 -2.56
C GLY B 198 -4.88 11.25 -1.59
N PRO B 199 -5.39 10.15 -1.02
CA PRO B 199 -4.57 9.37 -0.08
C PRO B 199 -3.21 8.95 -0.62
N ARG B 200 -3.09 8.63 -1.91
CA ARG B 200 -1.79 8.23 -2.44
C ARG B 200 -0.75 9.33 -2.33
N PHE B 201 -1.17 10.60 -2.32
CA PHE B 201 -0.21 11.66 -2.01
C PHE B 201 -0.10 11.89 -0.50
N LEU B 202 -1.24 12.01 0.20
CA LEU B 202 -1.21 12.53 1.57
C LEU B 202 -0.72 11.51 2.58
N GLU B 203 -0.76 10.21 2.27
CA GLU B 203 -0.17 9.20 3.15
C GLU B 203 1.32 9.00 2.92
N HIS B 204 1.92 9.69 1.96
CA HIS B 204 3.36 9.63 1.82
C HIS B 204 4.04 10.20 3.07
N PRO B 205 5.09 9.54 3.57
CA PRO B 205 5.74 10.03 4.80
C PRO B 205 6.36 11.40 4.68
N LEU B 206 6.71 11.86 3.48
CA LEU B 206 7.25 13.20 3.31
C LEU B 206 6.19 14.23 2.91
N ALA B 207 4.91 13.84 2.89
CA ALA B 207 3.82 14.81 2.75
C ALA B 207 3.55 15.38 4.13
N ASP B 208 4.39 16.36 4.52
CA ASP B 208 4.35 16.86 5.87
C ASP B 208 5.08 18.19 5.93
N CYS B 209 4.87 18.92 7.04
CA CYS B 209 5.50 20.24 7.22
C CYS B 209 7.01 20.19 7.04
N GLY B 210 7.52 21.12 6.25
CA GLY B 210 8.94 21.35 6.13
C GLY B 210 9.65 20.58 5.02
N PHE B 211 8.97 19.64 4.35
CA PHE B 211 9.59 18.81 3.32
C PHE B 211 9.19 19.29 1.93
N LEU B 212 10.20 19.56 1.09
CA LEU B 212 9.97 19.90 -0.31
C LEU B 212 10.58 18.83 -1.22
N GLU B 213 11.91 18.71 -1.25
CA GLU B 213 12.54 17.65 -2.03
C GLU B 213 12.11 16.29 -1.50
N GLY B 214 11.57 15.46 -2.39
CA GLY B 214 11.08 14.15 -2.03
C GLY B 214 9.63 14.10 -1.61
N ASN B 215 9.00 15.25 -1.38
CA ASN B 215 7.59 15.33 -1.03
C ASN B 215 6.79 15.30 -2.32
N PRO B 216 6.04 14.23 -2.60
CA PRO B 216 5.31 14.16 -3.87
C PRO B 216 4.26 15.24 -4.02
N VAL B 217 3.73 15.76 -2.91
CA VAL B 217 2.75 16.85 -3.00
C VAL B 217 3.40 18.08 -3.64
N HIS B 218 4.63 18.37 -3.20
CA HIS B 218 5.35 19.53 -3.72
C HIS B 218 5.80 19.32 -5.16
N GLU B 219 6.35 18.14 -5.46
CA GLU B 219 6.76 17.85 -6.83
C GLU B 219 5.60 18.00 -7.80
N GLU B 220 4.39 17.58 -7.39
CA GLU B 220 3.26 17.62 -8.31
C GLU B 220 2.69 19.02 -8.48
N ASN B 221 2.52 19.79 -7.38
CA ASN B 221 1.94 21.12 -7.62
C ASN B 221 2.94 22.07 -8.29
N THR B 222 4.24 21.79 -8.16
CA THR B 222 5.22 22.55 -8.95
C THR B 222 5.13 22.19 -10.42
N ARG B 223 4.93 20.90 -10.72
CA ARG B 223 4.77 20.48 -12.11
C ARG B 223 3.51 21.08 -12.74
N ILE B 224 2.39 21.04 -12.01
CA ILE B 224 1.15 21.58 -12.55
C ILE B 224 1.23 23.10 -12.73
N ALA B 225 1.88 23.80 -11.80
CA ALA B 225 2.02 25.25 -11.97
C ALA B 225 2.90 25.60 -13.17
N ARG B 226 3.91 24.77 -13.44
CA ARG B 226 4.78 25.03 -14.59
C ARG B 226 4.06 24.75 -15.91
N MET B 227 3.12 23.79 -15.93
CA MET B 227 2.28 23.63 -17.12
C MET B 227 1.37 24.83 -17.34
N ALA B 228 0.91 25.47 -16.27
CA ALA B 228 0.08 26.67 -16.42
C ALA B 228 0.93 27.90 -16.70
N GLY B 229 2.15 27.95 -16.19
CA GLY B 229 3.00 29.10 -16.35
C GLY B 229 2.79 30.16 -15.28
N CYS B 230 3.87 30.86 -14.95
CA CYS B 230 3.83 31.98 -14.01
C CYS B 230 4.99 32.90 -14.33
N ASP B 231 4.70 34.17 -14.62
CA ASP B 231 5.77 35.06 -15.02
C ASP B 231 6.51 35.67 -13.82
N PHE B 232 5.81 35.91 -12.71
CA PHE B 232 6.39 36.67 -11.61
C PHE B 232 5.66 36.36 -10.31
N ILE B 233 6.41 36.17 -9.22
CA ILE B 233 5.77 36.06 -7.91
C ILE B 233 6.31 37.13 -6.97
N VAL B 234 5.52 37.45 -5.94
CA VAL B 234 5.98 38.17 -4.76
C VAL B 234 5.48 37.43 -3.53
N ASN B 235 6.40 36.93 -2.70
CA ASN B 235 6.04 36.22 -1.48
C ASN B 235 6.73 36.89 -0.28
N VAL B 236 6.07 36.84 0.88
CA VAL B 236 6.67 37.38 2.11
C VAL B 236 6.71 36.28 3.16
N THR B 237 7.54 36.51 4.18
CA THR B 237 7.49 35.77 5.44
C THR B 237 7.10 36.72 6.55
N LEU B 238 6.47 36.18 7.60
CA LEU B 238 5.96 36.99 8.72
C LEU B 238 6.55 36.46 10.03
N ASP B 239 6.79 37.37 10.97
CA ASP B 239 7.17 36.88 12.29
C ASP B 239 5.92 36.62 13.14
N GLY B 240 6.12 36.29 14.42
CA GLY B 240 4.99 35.96 15.28
C GLY B 240 4.03 37.12 15.47
N ALA B 241 4.53 38.35 15.41
CA ALA B 241 3.69 39.53 15.55
C ALA B 241 3.12 40.00 14.20
N ARG B 242 3.23 39.16 13.15
CA ARG B 242 2.70 39.44 11.82
C ARG B 242 3.41 40.58 11.10
N ARG B 243 4.67 40.83 11.43
CA ARG B 243 5.47 41.80 10.70
C ARG B 243 6.31 41.10 9.64
N ILE B 244 6.46 41.75 8.49
CA ILE B 244 7.18 41.16 7.38
C ILE B 244 8.65 41.11 7.71
N THR B 245 9.27 39.93 7.54
CA THR B 245 10.69 39.74 7.81
C THR B 245 11.49 39.48 6.55
N SER B 246 10.83 39.23 5.41
CA SER B 246 11.52 39.10 4.15
C SER B 246 10.53 39.24 3.00
N VAL B 247 11.06 39.67 1.85
CA VAL B 247 10.32 39.77 0.61
C VAL B 247 11.14 39.08 -0.47
N VAL B 248 10.53 38.17 -1.23
CA VAL B 248 11.19 37.57 -2.39
C VAL B 248 10.31 37.83 -3.60
N ALA B 249 10.94 38.27 -4.68
CA ALA B 249 10.23 38.57 -5.91
C ALA B 249 11.00 37.97 -7.08
N GLY B 250 10.27 37.52 -8.10
CA GLY B 250 10.94 37.00 -9.28
C GLY B 250 10.41 35.68 -9.78
N ASP B 251 11.32 34.79 -10.14
CA ASP B 251 10.95 33.53 -10.78
C ASP B 251 10.15 32.66 -9.81
N MET B 252 9.12 31.98 -10.35
CA MET B 252 8.25 31.17 -9.50
C MET B 252 9.02 30.20 -8.63
N GLU B 253 10.00 29.50 -9.19
CA GLU B 253 10.71 28.51 -8.39
C GLU B 253 11.89 29.12 -7.64
N GLN B 254 12.69 29.97 -8.29
CA GLN B 254 13.89 30.50 -7.63
C GLN B 254 13.54 31.44 -6.48
N ALA B 255 12.58 32.34 -6.68
CA ALA B 255 12.23 33.24 -5.58
C ALA B 255 11.62 32.47 -4.42
N PHE B 256 10.74 31.51 -4.73
CA PHE B 256 10.12 30.70 -3.69
C PHE B 256 11.18 29.95 -2.88
N LEU B 257 12.14 29.32 -3.55
CA LEU B 257 13.15 28.55 -2.85
C LEU B 257 14.08 29.44 -2.03
N LYS B 258 14.31 30.68 -2.48
CA LYS B 258 15.08 31.62 -1.66
C LYS B 258 14.29 32.01 -0.41
N GLY B 259 12.96 32.15 -0.54
CA GLY B 259 12.15 32.50 0.61
C GLY B 259 12.08 31.36 1.60
N VAL B 260 12.00 30.12 1.10
CA VAL B 260 12.01 28.95 1.96
C VAL B 260 13.35 28.82 2.67
N ALA B 261 14.45 29.08 1.94
CA ALA B 261 15.76 29.05 2.58
C ALA B 261 15.83 30.00 3.76
N PHE B 262 15.20 31.17 3.65
CA PHE B 262 15.18 32.08 4.78
C PHE B 262 14.31 31.55 5.90
N VAL B 263 13.07 31.16 5.59
CA VAL B 263 12.16 30.90 6.69
C VAL B 263 12.58 29.62 7.41
N GLU B 264 13.32 28.73 6.73
CA GLU B 264 13.85 27.54 7.41
C GLU B 264 14.81 27.92 8.53
N THR B 265 15.49 29.07 8.41
CA THR B 265 16.39 29.55 9.45
C THR B 265 15.66 30.15 10.64
N VAL B 266 14.35 30.36 10.58
CA VAL B 266 13.68 30.96 11.71
C VAL B 266 12.57 30.08 12.29
N VAL B 267 11.95 29.23 11.48
CA VAL B 267 10.74 28.57 11.98
C VAL B 267 11.02 27.34 12.83
N LYS B 268 12.21 26.75 12.73
CA LYS B 268 12.50 25.53 13.49
C LYS B 268 12.76 25.85 14.97
N ALA B 269 12.11 25.10 15.85
CA ALA B 269 12.31 25.25 17.29
C ALA B 269 12.40 23.86 17.88
N ALA B 270 13.41 23.62 18.72
CA ALA B 270 13.77 22.27 19.11
C ALA B 270 13.42 21.97 20.56
N VAL B 271 13.17 20.69 20.82
CA VAL B 271 13.10 20.15 22.17
C VAL B 271 14.16 19.06 22.27
N PRO B 272 14.62 18.74 23.49
CA PRO B 272 15.63 17.67 23.60
C PRO B 272 15.10 16.31 23.21
N ALA B 273 13.84 16.03 23.50
CA ALA B 273 13.26 14.71 23.28
C ALA B 273 11.75 14.87 23.18
N PRO B 274 11.06 13.91 22.57
CA PRO B 274 9.58 14.01 22.52
C PRO B 274 8.98 14.05 23.91
N VAL B 275 7.86 14.77 24.03
CA VAL B 275 7.25 15.04 25.32
C VAL B 275 5.88 14.38 25.38
N ASP B 276 5.39 14.22 26.61
CA ASP B 276 4.11 13.58 26.81
C ASP B 276 2.93 14.50 26.51
N VAL B 277 3.10 15.81 26.71
CA VAL B 277 2.00 16.76 26.50
C VAL B 277 2.51 17.94 25.67
N VAL B 278 1.82 18.23 24.56
CA VAL B 278 2.13 19.40 23.73
C VAL B 278 0.93 20.33 23.75
N VAL B 279 1.13 21.56 24.21
CA VAL B 279 0.09 22.58 24.16
C VAL B 279 0.30 23.44 22.93
N THR B 280 -0.74 23.63 22.12
CA THR B 280 -0.56 24.38 20.88
C THR B 280 -1.81 25.20 20.54
N SER B 281 -1.72 25.94 19.46
CA SER B 281 -2.81 26.77 18.98
C SER B 281 -3.03 26.45 17.52
N SER B 282 -3.96 27.18 16.90
CA SER B 282 -4.15 27.14 15.46
C SER B 282 -3.74 28.48 14.83
N ALA B 283 -2.77 29.15 15.46
CA ALA B 283 -2.17 30.40 14.97
C ALA B 283 -3.13 31.58 14.99
N GLY B 284 -4.23 31.50 15.74
CA GLY B 284 -5.14 32.63 15.91
C GLY B 284 -5.86 33.02 14.60
N HIS B 285 -6.50 34.19 14.65
CA HIS B 285 -7.16 34.73 13.46
C HIS B 285 -6.11 35.12 12.41
N PRO B 286 -6.36 34.81 11.12
CA PRO B 286 -7.57 34.25 10.52
C PRO B 286 -7.53 32.73 10.32
N LEU B 287 -6.41 32.07 10.62
CA LEU B 287 -6.37 30.63 10.35
C LEU B 287 -7.35 29.87 11.23
N ASP B 288 -7.51 30.27 12.50
CA ASP B 288 -8.29 29.42 13.41
C ASP B 288 -9.79 29.67 13.30
N LEU B 289 -10.28 30.20 12.16
CA LEU B 289 -11.71 30.43 11.97
C LEU B 289 -12.54 29.14 11.98
N THR B 290 -11.99 28.01 11.50
CA THR B 290 -12.74 26.76 11.41
C THR B 290 -11.96 25.58 11.96
N PHE B 291 -12.71 24.58 12.42
CA PHE B 291 -12.09 23.32 12.86
C PHE B 291 -11.33 22.69 11.70
N TYR B 292 -11.84 22.82 10.48
CA TYR B 292 -11.17 22.34 9.28
C TYR B 292 -9.72 22.82 9.21
N GLN B 293 -9.48 24.12 9.43
CA GLN B 293 -8.12 24.63 9.41
C GLN B 293 -7.35 24.31 10.70
N ALA B 294 -8.02 24.27 11.84
CA ALA B 294 -7.34 24.05 13.12
C ALA B 294 -6.66 22.69 13.20
N VAL B 295 -7.05 21.72 12.35
CA VAL B 295 -6.33 20.46 12.26
C VAL B 295 -4.84 20.69 12.02
N LYS B 296 -4.50 21.82 11.37
CA LYS B 296 -3.09 22.13 11.10
C LYS B 296 -2.27 22.26 12.39
N GLY B 297 -2.88 22.79 13.46
CA GLY B 297 -2.17 22.86 14.73
C GLY B 297 -1.89 21.48 15.31
N LEU B 298 -2.78 20.52 15.05
CA LEU B 298 -2.57 19.17 15.57
C LEU B 298 -1.47 18.45 14.78
N THR B 299 -1.51 18.53 13.45
CA THR B 299 -0.47 17.88 12.67
C THR B 299 0.88 18.53 12.90
N GLY B 300 0.89 19.84 13.16
CA GLY B 300 2.14 20.53 13.42
C GLY B 300 2.82 20.08 14.70
N ALA B 301 2.04 19.62 15.67
CA ALA B 301 2.61 19.17 16.94
C ALA B 301 3.14 17.75 16.90
N LEU B 302 2.74 16.95 15.91
CA LEU B 302 3.09 15.53 15.88
C LEU B 302 4.57 15.22 16.02
N PRO B 303 5.51 15.94 15.39
CA PRO B 303 6.93 15.57 15.49
C PRO B 303 7.47 15.51 16.91
N ILE B 304 6.91 16.26 17.86
CA ILE B 304 7.51 16.31 19.18
C ILE B 304 6.66 15.65 20.26
N VAL B 305 5.50 15.09 19.91
CA VAL B 305 4.70 14.38 20.91
C VAL B 305 5.07 12.90 20.91
N LYS B 306 5.14 12.31 22.10
CA LYS B 306 5.42 10.88 22.19
C LYS B 306 4.23 10.09 21.68
N PRO B 307 4.47 8.95 21.02
CA PRO B 307 3.36 8.04 20.72
C PRO B 307 2.54 7.77 21.96
N GLY B 308 1.22 7.93 21.85
CA GLY B 308 0.35 7.81 22.99
C GLY B 308 0.25 9.06 23.86
N GLY B 309 1.00 10.10 23.54
CA GLY B 309 0.91 11.36 24.26
C GLY B 309 -0.38 12.11 23.91
N THR B 310 -0.45 13.34 24.42
CA THR B 310 -1.66 14.15 24.29
C THR B 310 -1.29 15.50 23.69
N ILE B 311 -2.07 15.92 22.69
CA ILE B 311 -1.98 17.27 22.18
C ILE B 311 -3.17 18.05 22.71
N VAL B 312 -2.90 19.17 23.37
CA VAL B 312 -3.92 20.09 23.85
C VAL B 312 -3.89 21.31 22.93
N ILE B 313 -4.99 21.61 22.24
CA ILE B 313 -5.01 22.73 21.29
C ILE B 313 -6.13 23.70 21.67
N ALA B 314 -5.83 24.99 21.57
CA ALA B 314 -6.81 26.05 21.75
C ALA B 314 -7.00 26.76 20.41
N ALA B 315 -8.26 26.95 20.01
CA ALA B 315 -8.57 27.61 18.75
C ALA B 315 -9.94 28.27 18.89
N ALA B 316 -10.09 29.48 18.35
CA ALA B 316 -11.33 30.22 18.61
C ALA B 316 -12.51 29.65 17.82
N LEU B 317 -12.27 29.19 16.59
CA LEU B 317 -13.31 28.54 15.77
C LEU B 317 -14.50 29.46 15.55
N ALA B 318 -14.22 30.75 15.29
CA ALA B 318 -15.29 31.73 15.22
C ALA B 318 -16.29 31.42 14.11
N GLU B 319 -15.87 30.74 13.05
CA GLU B 319 -16.75 30.37 11.95
C GLU B 319 -17.31 28.96 12.08
N GLY B 320 -16.99 28.23 13.15
CA GLY B 320 -17.51 26.87 13.30
C GLY B 320 -16.65 25.76 12.71
N LEU B 321 -17.29 24.73 12.16
CA LEU B 321 -16.58 23.52 11.76
C LEU B 321 -15.93 23.64 10.39
N GLY B 322 -16.56 24.34 9.47
CA GLY B 322 -16.07 24.32 8.11
C GLY B 322 -17.22 24.05 7.16
N SER B 323 -16.85 23.66 5.93
CA SER B 323 -17.81 23.54 4.84
C SER B 323 -18.89 22.50 5.15
N PRO B 324 -20.07 22.62 4.51
CA PRO B 324 -21.09 21.58 4.68
C PRO B 324 -20.62 20.20 4.22
N GLU B 325 -19.75 20.15 3.22
CA GLU B 325 -19.22 18.87 2.75
C GLU B 325 -18.32 18.25 3.81
N PHE B 326 -17.42 19.06 4.38
CA PHE B 326 -16.58 18.62 5.49
C PHE B 326 -17.42 18.08 6.64
N GLN B 327 -18.46 18.82 7.04
CA GLN B 327 -19.29 18.38 8.17
C GLN B 327 -20.02 17.07 7.86
N SER B 328 -20.38 16.85 6.60
CA SER B 328 -21.12 15.65 6.22
C SER B 328 -20.30 14.39 6.46
N LEU B 329 -18.97 14.48 6.42
CA LEU B 329 -18.16 13.29 6.58
C LEU B 329 -18.21 12.74 8.00
N PHE B 330 -18.41 13.60 9.00
CA PHE B 330 -18.56 13.10 10.36
C PHE B 330 -19.88 12.36 10.53
N GLU B 331 -20.94 12.83 9.86
CA GLU B 331 -22.22 12.14 9.88
C GLU B 331 -22.15 10.82 9.11
N GLU B 332 -21.48 10.81 7.96
CA GLU B 332 -21.43 9.59 7.15
C GLU B 332 -20.57 8.50 7.80
N HIS B 333 -19.50 8.88 8.51
CA HIS B 333 -18.56 7.92 9.10
C HIS B 333 -18.37 8.21 10.58
N PRO B 334 -19.02 7.45 11.47
CA PRO B 334 -18.82 7.70 12.91
C PRO B 334 -17.46 7.29 13.43
N THR B 335 -16.70 6.46 12.71
CA THR B 335 -15.35 6.11 13.11
C THR B 335 -14.36 6.59 12.06
N LEU B 336 -13.17 6.98 12.52
CA LEU B 336 -12.13 7.39 11.57
C LEU B 336 -11.62 6.20 10.77
N GLU B 337 -11.60 5.01 11.38
CA GLU B 337 -11.18 3.81 10.67
C GLU B 337 -12.08 3.54 9.47
N GLY B 338 -13.40 3.63 9.66
CA GLY B 338 -14.31 3.45 8.55
C GLY B 338 -14.24 4.57 7.53
N PHE B 339 -13.93 5.78 7.98
CA PHE B 339 -13.70 6.87 7.04
C PHE B 339 -12.48 6.59 6.17
N MET B 340 -11.34 6.24 6.81
CA MET B 340 -10.16 5.81 6.06
C MET B 340 -10.43 4.65 5.11
N GLU B 341 -11.21 3.67 5.55
CA GLU B 341 -11.53 2.53 4.69
C GLU B 341 -12.23 3.02 3.42
N ALA B 342 -13.17 3.94 3.57
CA ALA B 342 -13.89 4.46 2.41
C ALA B 342 -12.96 5.23 1.46
N ILE B 343 -12.16 6.17 1.99
CA ILE B 343 -11.44 7.05 1.07
C ILE B 343 -10.27 6.34 0.40
N LEU B 344 -9.68 5.34 1.06
CA LEU B 344 -8.57 4.61 0.44
C LEU B 344 -9.00 3.85 -0.81
N LYS B 345 -10.31 3.57 -0.96
CA LYS B 345 -10.81 2.91 -2.16
C LYS B 345 -10.82 3.83 -3.37
N GLU B 346 -10.88 5.14 -3.17
CA GLU B 346 -10.99 6.12 -4.25
C GLU B 346 -12.16 5.84 -5.18
N GLU B 347 -13.23 5.26 -4.64
CA GLU B 347 -14.46 5.08 -5.39
C GLU B 347 -15.36 6.31 -5.31
N SER B 348 -15.05 7.24 -4.43
CA SER B 348 -15.75 8.50 -4.33
C SER B 348 -14.76 9.53 -3.81
N PHE B 349 -15.08 10.80 -4.05
CA PHE B 349 -14.27 11.91 -3.57
C PHE B 349 -15.23 12.95 -3.04
N THR B 350 -14.97 13.43 -1.83
CA THR B 350 -15.78 14.46 -1.19
C THR B 350 -14.90 15.66 -0.94
N VAL B 351 -15.42 16.86 -1.26
CA VAL B 351 -14.71 18.09 -0.97
C VAL B 351 -14.29 18.09 0.49
N ASP B 352 -13.03 18.44 0.75
CA ASP B 352 -12.48 18.67 2.09
C ASP B 352 -12.23 17.37 2.87
N GLN B 353 -12.37 16.21 2.23
CA GLN B 353 -12.06 14.96 2.93
C GLN B 353 -10.60 14.89 3.36
N TRP B 354 -9.71 15.64 2.70
CA TRP B 354 -8.29 15.57 3.04
C TRP B 354 -7.99 16.04 4.47
N GLN B 355 -8.78 16.99 5.02
CA GLN B 355 -8.46 17.42 6.38
C GLN B 355 -8.89 16.40 7.42
N LEU B 356 -9.96 15.64 7.17
CA LEU B 356 -10.29 14.53 8.06
C LEU B 356 -9.23 13.44 7.96
N GLU B 357 -8.65 13.24 6.78
CA GLU B 357 -7.55 12.30 6.64
C GLU B 357 -6.35 12.76 7.45
N GLU B 358 -6.09 14.07 7.47
CA GLU B 358 -5.01 14.58 8.32
C GLU B 358 -5.35 14.40 9.79
N LEU B 359 -6.63 14.54 10.17
CA LEU B 359 -6.98 14.31 11.57
C LEU B 359 -6.82 12.83 11.94
N ALA B 360 -7.13 11.92 11.01
CA ALA B 360 -6.87 10.50 11.25
C ALA B 360 -5.38 10.26 11.50
N LYS B 361 -4.52 10.95 10.75
CA LYS B 361 -3.08 10.80 10.94
C LYS B 361 -2.66 11.22 12.35
N VAL B 362 -3.28 12.28 12.89
CA VAL B 362 -2.97 12.72 14.24
C VAL B 362 -3.43 11.67 15.24
N ARG B 363 -4.67 11.20 15.10
CA ARG B 363 -5.27 10.35 16.12
C ARG B 363 -4.66 8.95 16.14
N ARG B 364 -3.96 8.55 15.08
CA ARG B 364 -3.22 7.28 15.14
C ARG B 364 -2.06 7.37 16.11
N LYS B 365 -1.62 8.56 16.46
CA LYS B 365 -0.43 8.74 17.27
C LYS B 365 -0.73 9.36 18.63
N ALA B 366 -1.74 10.22 18.74
CA ALA B 366 -1.89 11.03 19.95
C ALA B 366 -3.36 11.21 20.30
N ARG B 367 -3.63 11.34 21.60
CA ARG B 367 -4.90 11.85 22.07
C ARG B 367 -4.97 13.35 21.83
N VAL B 368 -6.19 13.88 21.68
CA VAL B 368 -6.36 15.31 21.40
C VAL B 368 -7.40 15.85 22.38
N LYS B 369 -7.02 16.87 23.13
CA LYS B 369 -7.93 17.65 23.96
C LYS B 369 -8.10 19.00 23.28
N PHE B 370 -9.34 19.42 23.07
CA PHE B 370 -9.64 20.62 22.28
CA PHE B 370 -9.63 20.62 22.28
C PHE B 370 -10.35 21.64 23.14
N VAL B 371 -9.84 22.86 23.16
CA VAL B 371 -10.36 23.95 23.99
C VAL B 371 -10.83 25.07 23.08
N SER B 372 -12.12 25.40 23.13
CA SER B 372 -12.67 26.41 22.23
C SER B 372 -14.00 26.90 22.79
N ASP B 373 -14.30 28.18 22.56
CA ASP B 373 -15.66 28.63 22.85
C ASP B 373 -16.45 28.96 21.58
N GLY B 374 -15.90 28.64 20.41
CA GLY B 374 -16.62 28.89 19.17
C GLY B 374 -17.54 27.79 18.72
N VAL B 375 -17.39 26.60 19.31
CA VAL B 375 -18.17 25.43 18.91
C VAL B 375 -18.55 24.72 20.21
N PRO B 376 -19.79 24.24 20.36
CA PRO B 376 -20.18 23.60 21.62
C PRO B 376 -19.46 22.27 21.82
N ALA B 377 -19.24 21.94 23.10
CA ALA B 377 -18.57 20.68 23.44
C ALA B 377 -19.25 19.47 22.80
N ALA B 378 -20.58 19.49 22.73
CA ALA B 378 -21.30 18.35 22.17
C ALA B 378 -21.00 18.16 20.68
N VAL B 379 -20.81 19.27 19.96
CA VAL B 379 -20.40 19.17 18.56
C VAL B 379 -18.97 18.67 18.45
N LEU B 380 -18.06 19.21 19.28
CA LEU B 380 -16.65 18.84 19.18
C LEU B 380 -16.44 17.37 19.53
N SER B 381 -17.19 16.87 20.52
CA SER B 381 -17.01 15.48 20.92
C SER B 381 -17.42 14.50 19.83
N ARG B 382 -18.13 14.96 18.79
CA ARG B 382 -18.42 14.14 17.62
C ARG B 382 -17.38 14.31 16.53
N CYS B 383 -16.36 15.16 16.73
CA CYS B 383 -15.32 15.37 15.75
C CYS B 383 -14.01 14.64 16.12
N HIS B 384 -14.10 13.59 16.96
CA HIS B 384 -12.98 12.70 17.25
C HIS B 384 -11.88 13.39 18.04
N VAL B 385 -12.25 14.39 18.84
CA VAL B 385 -11.37 15.03 19.80
C VAL B 385 -12.13 15.08 21.12
N GLU B 386 -11.40 15.33 22.22
CA GLU B 386 -12.08 15.45 23.50
C GLU B 386 -12.21 16.92 23.88
N PRO B 387 -13.42 17.48 23.91
CA PRO B 387 -13.55 18.88 24.38
C PRO B 387 -13.23 18.99 25.86
N VAL B 388 -12.42 19.98 26.22
CA VAL B 388 -12.08 20.25 27.61
C VAL B 388 -12.29 21.74 27.84
N ALA B 389 -12.73 22.11 29.05
CA ALA B 389 -13.20 23.48 29.28
C ALA B 389 -12.06 24.49 29.21
N THR B 390 -10.90 24.16 29.77
CA THR B 390 -9.76 25.07 29.78
C THR B 390 -8.49 24.31 29.44
N VAL B 391 -7.49 25.05 28.97
CA VAL B 391 -6.16 24.48 28.72
C VAL B 391 -5.55 23.99 30.02
N GLU B 392 -5.63 24.81 31.08
CA GLU B 392 -5.07 24.41 32.37
C GLU B 392 -5.64 23.08 32.84
N LEU B 393 -6.96 22.88 32.69
CA LEU B 393 -7.55 21.61 33.12
C LEU B 393 -7.09 20.48 32.22
N ALA B 394 -7.05 20.72 30.91
CA ALA B 394 -6.61 19.70 29.96
C ALA B 394 -5.21 19.23 30.28
N VAL B 395 -4.30 20.17 30.62
CA VAL B 395 -2.93 19.81 30.96
C VAL B 395 -2.88 19.01 32.25
N ALA B 396 -3.64 19.45 33.26
CA ALA B 396 -3.68 18.74 34.53
C ALA B 396 -4.16 17.31 34.36
N GLN B 397 -5.19 17.11 33.53
CA GLN B 397 -5.70 15.77 33.26
C GLN B 397 -4.61 14.91 32.62
N ALA B 398 -3.93 15.47 31.61
CA ALA B 398 -2.89 14.73 30.90
C ALA B 398 -1.70 14.44 31.81
N LEU B 399 -1.29 15.43 32.61
CA LEU B 399 -0.13 15.16 33.47
C LEU B 399 -0.47 14.13 34.53
N GLU B 400 -1.74 14.07 34.95
CA GLU B 400 -2.15 13.02 35.88
C GLU B 400 -2.00 11.64 35.26
N GLN B 401 -2.37 11.50 33.98
CA GLN B 401 -2.20 10.23 33.30
C GLN B 401 -0.73 9.86 33.16
N TYR B 402 0.10 10.80 32.70
CA TYR B 402 1.47 10.44 32.34
C TYR B 402 2.46 10.47 33.50
N GLY B 403 2.08 11.00 34.67
CA GLY B 403 2.89 10.83 35.86
C GLY B 403 3.87 11.95 36.20
N PRO B 404 4.61 11.77 37.30
CA PRO B 404 5.47 12.86 37.80
C PRO B 404 6.63 13.24 36.89
N GLU B 405 7.04 12.39 35.96
CA GLU B 405 8.16 12.73 35.09
C GLU B 405 7.71 13.29 33.75
N ALA B 406 6.42 13.41 33.53
CA ALA B 406 5.91 13.93 32.26
C ALA B 406 6.27 15.40 32.10
N ARG B 407 6.50 15.80 30.85
CA ARG B 407 6.92 17.15 30.53
C ARG B 407 5.91 17.76 29.56
N VAL B 408 5.86 19.09 29.53
CA VAL B 408 4.92 19.81 28.67
C VAL B 408 5.75 20.71 27.76
N ALA B 409 5.45 20.68 26.48
CA ALA B 409 5.97 21.67 25.55
C ALA B 409 4.80 22.54 25.11
N VAL B 410 5.07 23.83 24.88
CA VAL B 410 4.03 24.76 24.44
C VAL B 410 4.53 25.49 23.20
N ILE B 411 3.64 25.61 22.21
CA ILE B 411 3.89 26.28 20.92
C ILE B 411 2.87 27.39 20.75
N PRO B 412 3.16 28.61 21.20
CA PRO B 412 2.13 29.66 21.16
C PRO B 412 1.60 29.96 19.77
N LYS B 413 2.45 29.91 18.74
CA LYS B 413 2.05 30.29 17.40
C LYS B 413 1.65 29.07 16.56
N GLY B 414 1.51 27.90 17.19
CA GLY B 414 0.98 26.71 16.55
C GLY B 414 1.64 26.34 15.23
N PRO B 415 0.85 26.18 14.16
CA PRO B 415 1.40 25.66 12.91
C PRO B 415 2.30 26.63 12.15
N TYR B 416 2.51 27.85 12.65
CA TYR B 416 3.51 28.74 12.09
C TYR B 416 4.91 28.46 12.62
N VAL B 417 5.05 27.51 13.56
CA VAL B 417 6.32 27.02 14.06
C VAL B 417 6.52 25.61 13.53
N LEU B 418 7.79 25.23 13.34
CA LEU B 418 8.17 23.88 12.92
C LEU B 418 8.91 23.21 14.08
N PRO B 419 8.21 22.52 14.98
CA PRO B 419 8.90 21.90 16.11
C PRO B 419 9.65 20.64 15.68
N VAL B 420 10.84 20.44 16.25
CA VAL B 420 11.69 19.30 15.90
C VAL B 420 12.35 18.78 17.17
N VAL B 421 12.81 17.54 17.11
CA VAL B 421 13.54 16.92 18.21
C VAL B 421 15.03 17.00 17.90
N ASP B 422 15.80 17.59 18.80
CA ASP B 422 17.26 17.73 18.66
C ASP B 422 17.96 17.05 19.82
N PRO B 423 18.41 15.79 19.66
CA PRO B 423 19.08 15.08 20.77
C PRO B 423 20.08 15.91 21.56
N THR B 424 20.92 16.69 20.87
CA THR B 424 21.77 17.67 21.54
C THR B 424 20.89 18.72 22.21
C1 EDO C . 1.94 -40.62 11.95
O1 EDO C . 2.30 -41.73 12.74
C2 EDO C . 1.44 -41.07 10.57
O2 EDO C . 0.08 -41.38 10.63
C1 EDO D . -7.79 -26.02 -19.09
O1 EDO D . -8.10 -24.67 -19.13
C2 EDO D . -7.61 -26.37 -17.61
O2 EDO D . -7.50 -27.74 -17.49
C2 4EY E . 4.42 -25.89 0.40
C3 4EY E . 4.55 -27.28 0.65
C1 4EY E . 8.21 -27.55 1.15
C4 4EY E . 5.81 -27.81 0.84
C5 4EY E . 6.91 -26.96 0.84
C6 4EY E . 6.72 -25.60 0.62
O2 4EY E . 9.27 -26.93 1.05
O2P 4EY E . 0.86 -25.69 -1.13
P 4EY E . 0.76 -24.16 -0.72
O3P 4EY E . -0.50 -23.94 0.03
O1P 4EY E . 0.86 -23.25 -2.01
O5R 4EY E . 2.06 -23.93 0.21
C5R 4EY E . 2.18 -22.74 0.96
C4R 4EY E . 3.62 -22.22 0.81
O4R 4EY E . 4.58 -23.20 1.30
C3R 4EY E . 3.98 -21.98 -0.66
O3R 4EY E . 4.86 -20.84 -0.74
C2R 4EY E . 4.69 -23.27 -1.09
O2R 4EY E . 5.66 -23.03 -2.14
C1R 4EY E . 5.41 -23.68 0.21
N1 4EY E . 5.51 -25.12 0.41
C7 4EY E . 3.46 -28.25 0.69
S7 4EY E . 3.74 -29.65 1.47
S2 4EY E . 8.07 -29.16 1.83
C1 PEG F . -2.28 2.24 1.72
O1 PEG F . -1.15 2.96 2.13
C2 PEG F . -1.88 0.81 1.39
O2 PEG F . -1.52 0.74 0.04
C3 PEG F . -0.64 -0.30 -0.26
C4 PEG F . -0.93 -0.79 -1.67
O4 PEG F . -0.10 -0.12 -2.58
C LAC G . 5.83 -28.19 -2.70
CA LAC G . 6.84 -29.16 -2.14
CB LAC G . 6.98 -30.35 -3.10
O LAC G . 4.62 -28.56 -2.76
OHN LAC G . 8.03 -28.45 -2.03
OXT LAC G . 6.21 -27.06 -3.10
NI NI H . 5.93 -29.58 1.68
C1 EDO I . -12.78 35.59 17.57
O1 EDO I . -12.64 36.40 16.44
C2 EDO I . -12.59 36.49 18.78
O2 EDO I . -11.27 36.95 18.80
C2 4EY J . -4.38 26.24 -0.39
C3 4EY J . -4.28 24.85 -0.18
C1 4EY J . -7.85 23.87 -0.55
C4 4EY J . -5.45 24.09 -0.21
C5 4EY J . -6.66 24.72 -0.45
C6 4EY J . -6.69 26.09 -0.64
O2 4EY J . -8.97 24.34 -0.64
O2P 4EY J . -1.29 30.00 1.15
P 4EY J . -1.03 28.75 0.21
O3P 4EY J . -0.96 27.54 1.08
O1P 4EY J . 0.33 28.86 -0.61
O5R 4EY J . -2.31 28.54 -0.75
C5R 4EY J . -2.59 29.48 -1.81
C4R 4EY J . -4.10 29.71 -1.80
O4R 4EY J . -4.83 28.47 -1.97
C3R 4EY J . -4.57 30.32 -0.45
O3R 4EY J . -5.60 31.30 -0.69
C2R 4EY J . -5.09 29.10 0.33
O2R 4EY J . -6.13 29.48 1.21
C1R 4EY J . -5.68 28.24 -0.82
N1 4EY J . -5.57 26.80 -0.58
C7 4EY J . -3.02 24.11 0.06
S7 4EY J . -3.06 22.50 -0.20
S2 4EY J . -7.46 22.15 -0.73
C1 PEG K . 16.63 39.19 4.92
O1 PEG K . 15.73 40.27 4.78
C2 PEG K . 15.98 37.93 4.35
O2 PEG K . 16.06 37.95 2.95
C3 PEG K . 15.50 36.84 2.30
C4 PEG K . 15.99 36.79 0.86
O4 PEG K . 15.64 37.96 0.17
C1 PEG L . 5.18 48.78 8.27
O1 PEG L . 4.57 49.89 7.67
C2 PEG L . 5.77 49.19 9.62
O2 PEG L . 6.56 48.15 10.12
C3 PEG L . 6.42 47.95 11.51
C4 PEG L . 7.60 47.12 11.99
O4 PEG L . 8.71 47.50 11.23
C LAC M . -5.50 24.70 3.31
CA LAC M . -6.32 23.45 3.07
CB LAC M . -6.28 22.57 4.31
O LAC M . -4.26 24.62 3.45
OHN LAC M . -7.63 23.87 2.80
OXT LAC M . -6.09 25.81 3.36
NI NI N . -5.22 22.18 -0.46
#